data_5A3M
#
_entry.id   5A3M
#
_cell.length_a   101.700
_cell.length_b   105.350
_cell.length_c   106.470
_cell.angle_alpha   90.00
_cell.angle_beta   90.00
_cell.angle_gamma   90.00
#
_symmetry.space_group_name_H-M   'P 21 21 21'
#
loop_
_entity.id
_entity.type
_entity.pdbx_description
1 polymer CEA1
2 branched 2-acetamido-2-deoxy-beta-D-glucopyranose-(1-4)-2-acetamido-2-deoxy-beta-D-glucopyranose
3 non-polymer 'CALCIUM ION'
4 non-polymer DI(HYDROXYETHYL)ETHER
5 non-polymer 'CITRIC ACID'
6 non-polymer GLYCEROL
7 non-polymer 'SODIUM ION'
8 water water
#
_entity_poly.entity_id   1
_entity_poly.type   'polypeptide(L)'
_entity_poly.pdbx_seq_one_letter_code
;MGSSHHHHHHSSGLVPRGSHMDDSGNGDNSDTAYGCDITTNAVDGFDATIYQYNANDLRLIRDPTFMSTGYLGRNVLNKI
SGVTVPGFNIWNPSSRTATVYGVKNVNYYNMVLELKGYFKADVSGDYKLTLSHIDDSSMLFFGKETAFKCCDAGSIPLNE
APTDYSLFTIKPSNQVNSEVISATQYLEAGKYYPVRIVFVNALERARFDFKLTIPSGAVLDDFQNYIYQFGDLDENSCHE
;
_entity_poly.pdbx_strand_id   A,B,C,D
#
# COMPACT_ATOMS: atom_id res chain seq x y z
N THR A 32 22.88 9.78 20.78
CA THR A 32 23.52 11.00 20.16
C THR A 32 24.12 10.73 18.76
N ALA A 33 25.04 9.77 18.59
CA ALA A 33 25.50 9.38 17.23
C ALA A 33 24.80 8.11 16.78
N TYR A 34 24.13 8.18 15.62
CA TYR A 34 23.49 6.99 15.08
C TYR A 34 24.29 6.39 13.93
N GLY A 35 25.53 6.86 13.77
CA GLY A 35 26.43 6.31 12.77
C GLY A 35 27.83 6.82 13.02
N CYS A 36 28.79 6.22 12.33
CA CYS A 36 30.22 6.54 12.46
C CYS A 36 30.87 6.53 11.10
N ASP A 37 31.92 7.31 10.92
CA ASP A 37 32.69 7.26 9.67
C ASP A 37 33.39 5.92 9.49
N ILE A 38 33.92 5.36 10.57
CA ILE A 38 34.66 4.09 10.54
C ILE A 38 33.81 2.94 11.11
N THR A 39 33.41 2.06 10.21
CA THR A 39 32.60 0.91 10.57
C THR A 39 33.25 -0.37 10.03
N THR A 40 34.59 -0.37 9.99
CA THR A 40 35.36 -1.46 9.41
C THR A 40 35.28 -2.74 10.21
N ASN A 41 34.77 -2.65 11.43
CA ASN A 41 34.59 -3.82 12.30
C ASN A 41 33.24 -4.54 12.11
N ALA A 42 32.38 -4.01 11.24
CA ALA A 42 31.13 -4.67 10.90
C ALA A 42 31.39 -5.82 9.97
N VAL A 43 30.89 -6.98 10.34
CA VAL A 43 31.04 -8.19 9.54
C VAL A 43 29.67 -8.80 9.32
N ASP A 44 29.60 -9.62 8.28
CA ASP A 44 28.31 -10.07 7.79
C ASP A 44 27.75 -11.11 8.74
N GLY A 45 26.43 -11.10 8.86
CA GLY A 45 25.69 -12.29 9.27
C GLY A 45 25.06 -12.30 10.63
N PHE A 46 23.97 -13.06 10.75
CA PHE A 46 23.41 -13.40 12.03
C PHE A 46 24.39 -14.30 12.78
N ASP A 47 24.38 -14.12 14.11
CA ASP A 47 24.92 -15.11 15.02
C ASP A 47 23.78 -16.03 15.47
N ALA A 48 23.98 -17.32 15.24
CA ALA A 48 23.02 -18.35 15.61
C ALA A 48 23.48 -19.07 16.88
N THR A 49 22.56 -19.22 17.82
CA THR A 49 22.78 -20.06 18.98
C THR A 49 21.68 -21.11 19.02
N ILE A 50 22.08 -22.37 19.11
CA ILE A 50 21.13 -23.48 19.13
C ILE A 50 21.15 -24.06 20.52
N TYR A 51 19.96 -24.19 21.09
CA TYR A 51 19.76 -24.70 22.44
C TYR A 51 18.96 -25.98 22.43
N GLN A 52 19.14 -26.75 23.50
CA GLN A 52 18.35 -27.92 23.74
C GLN A 52 16.85 -27.60 23.92
N TYR A 53 16.00 -28.47 23.40
CA TYR A 53 14.56 -28.38 23.58
C TYR A 53 14.00 -29.80 23.67
N ASN A 54 13.09 -30.03 24.63
CA ASN A 54 12.56 -31.39 24.86
C ASN A 54 11.70 -31.82 23.66
N ALA A 55 12.06 -32.94 23.04
CA ALA A 55 11.28 -33.47 21.93
C ALA A 55 9.82 -33.63 22.35
N ASN A 56 8.91 -33.24 21.44
CA ASN A 56 7.47 -33.40 21.60
C ASN A 56 6.82 -32.43 22.55
N ASP A 57 7.56 -31.46 23.03
CA ASP A 57 6.99 -30.48 23.94
C ASP A 57 6.22 -29.45 23.13
N LEU A 58 4.89 -29.59 23.12
CA LEU A 58 4.05 -28.66 22.34
C LEU A 58 3.44 -27.58 23.22
N ARG A 59 3.92 -27.47 24.44
CA ARG A 59 3.45 -26.46 25.37
C ARG A 59 4.32 -25.22 25.30
N LEU A 60 5.63 -25.38 25.41
CA LEU A 60 6.50 -24.24 25.53
C LEU A 60 6.63 -23.43 24.24
N ILE A 61 6.37 -24.06 23.11
CA ILE A 61 6.36 -23.36 21.82
C ILE A 61 5.31 -22.24 21.80
N ARG A 62 4.29 -22.35 22.66
N ARG A 62 4.28 -22.34 22.65
CA ARG A 62 3.21 -21.38 22.75
CA ARG A 62 3.20 -21.38 22.71
C ARG A 62 3.35 -20.42 23.93
C ARG A 62 3.33 -20.43 23.93
N ASP A 63 4.43 -20.55 24.68
CA ASP A 63 4.59 -19.82 25.91
C ASP A 63 5.44 -18.60 25.63
N PRO A 64 4.86 -17.38 25.75
CA PRO A 64 5.65 -16.22 25.34
C PRO A 64 6.85 -15.94 26.22
N THR A 65 6.77 -16.30 27.49
CA THR A 65 7.91 -16.12 28.37
C THR A 65 9.05 -17.08 27.98
N PHE A 66 8.69 -18.31 27.63
CA PHE A 66 9.73 -19.26 27.19
C PHE A 66 10.41 -18.75 25.90
N MET A 67 9.60 -18.28 24.97
CA MET A 67 10.10 -17.86 23.66
C MET A 67 10.93 -16.60 23.75
N SER A 68 10.67 -15.77 24.74
CA SER A 68 11.39 -14.52 24.88
C SER A 68 12.63 -14.63 25.77
N THR A 69 12.53 -15.40 26.85
CA THR A 69 13.62 -15.49 27.82
C THR A 69 13.94 -16.89 28.34
N GLY A 70 12.92 -17.72 28.50
CA GLY A 70 13.08 -19.02 29.14
C GLY A 70 14.04 -19.96 28.46
N TYR A 71 14.11 -19.87 27.13
CA TYR A 71 14.99 -20.74 26.37
C TYR A 71 16.45 -20.56 26.75
N LEU A 72 16.78 -19.38 27.24
CA LEU A 72 18.15 -19.02 27.56
C LEU A 72 18.75 -19.88 28.64
N GLY A 73 17.91 -20.55 29.42
CA GLY A 73 18.38 -21.41 30.51
C GLY A 73 18.73 -22.81 30.03
N ARG A 74 18.54 -23.10 28.74
CA ARG A 74 18.75 -24.45 28.25
C ARG A 74 20.22 -24.63 27.80
N ASN A 75 20.67 -25.89 27.75
CA ASN A 75 22.02 -26.18 27.27
C ASN A 75 22.20 -25.73 25.84
N VAL A 76 23.34 -25.11 25.58
CA VAL A 76 23.71 -24.66 24.27
C VAL A 76 24.29 -25.84 23.52
N LEU A 77 23.77 -26.07 22.32
CA LEU A 77 24.24 -27.15 21.46
C LEU A 77 25.21 -26.66 20.39
N ASN A 78 24.99 -25.45 19.87
CA ASN A 78 25.83 -24.92 18.79
C ASN A 78 25.85 -23.41 18.82
N LYS A 79 26.95 -22.87 18.35
CA LYS A 79 27.14 -21.45 18.11
C LYS A 79 27.73 -21.33 16.72
N ILE A 80 27.03 -20.59 15.86
CA ILE A 80 27.36 -20.51 14.44
C ILE A 80 27.27 -19.04 14.03
N SER A 81 28.33 -18.51 13.42
CA SER A 81 28.35 -17.11 12.97
CA SER A 81 28.35 -17.13 12.94
C SER A 81 28.31 -17.03 11.43
N GLY A 82 28.12 -15.81 10.93
CA GLY A 82 28.22 -15.51 9.49
C GLY A 82 27.03 -15.92 8.65
N VAL A 83 25.89 -16.14 9.31
CA VAL A 83 24.71 -16.67 8.63
C VAL A 83 23.98 -15.52 7.88
N THR A 84 23.90 -15.54 6.55
CA THR A 84 23.15 -14.54 5.80
C THR A 84 21.83 -15.09 5.23
N VAL A 85 21.71 -16.40 5.07
CA VAL A 85 20.47 -17.02 4.63
C VAL A 85 19.90 -17.85 5.79
N PRO A 86 19.02 -17.24 6.59
CA PRO A 86 18.60 -17.86 7.83
C PRO A 86 17.49 -18.92 7.71
N GLY A 87 16.72 -18.86 6.63
CA GLY A 87 15.60 -19.77 6.45
C GLY A 87 16.03 -21.20 6.11
N PHE A 88 15.21 -22.15 6.52
CA PHE A 88 15.40 -23.55 6.17
C PHE A 88 14.09 -24.31 6.33
N ASN A 89 14.01 -25.49 5.73
CA ASN A 89 12.87 -26.36 5.88
C ASN A 89 13.37 -27.77 5.84
N ILE A 90 13.48 -28.38 7.02
CA ILE A 90 14.20 -29.61 7.18
C ILE A 90 13.30 -30.64 7.78
N TRP A 91 13.25 -31.80 7.13
CA TRP A 91 12.58 -32.95 7.69
C TRP A 91 13.19 -34.23 7.08
N ASN A 92 13.85 -35.01 7.91
CA ASN A 92 14.39 -36.30 7.50
C ASN A 92 13.75 -37.35 8.37
N PRO A 93 12.83 -38.15 7.83
CA PRO A 93 12.17 -39.17 8.62
C PRO A 93 13.12 -40.22 9.19
N SER A 94 14.33 -40.24 8.67
CA SER A 94 15.33 -41.25 9.04
CA SER A 94 15.30 -41.25 9.11
C SER A 94 16.44 -40.69 9.95
N SER A 95 16.39 -39.40 10.27
CA SER A 95 17.43 -38.82 11.14
C SER A 95 16.90 -37.59 11.88
N ARG A 96 17.24 -37.49 13.17
CA ARG A 96 16.92 -36.30 13.97
C ARG A 96 17.97 -35.21 13.88
N THR A 97 19.04 -35.45 13.10
CA THR A 97 20.05 -34.45 12.86
C THR A 97 20.18 -34.13 11.37
N ALA A 98 20.73 -32.97 11.09
CA ALA A 98 20.93 -32.53 9.73
C ALA A 98 21.96 -31.44 9.73
N THR A 99 22.41 -31.11 8.54
CA THR A 99 23.32 -30.00 8.34
C THR A 99 22.50 -28.71 8.38
N VAL A 100 22.84 -27.80 9.29
CA VAL A 100 22.15 -26.55 9.43
C VAL A 100 23.22 -25.46 9.44
N TYR A 101 23.05 -24.49 8.55
CA TYR A 101 24.01 -23.42 8.41
C TYR A 101 25.43 -23.94 8.25
N GLY A 102 25.61 -24.99 7.49
CA GLY A 102 26.94 -25.51 7.16
C GLY A 102 27.56 -26.41 8.21
N VAL A 103 26.84 -26.61 9.32
CA VAL A 103 27.34 -27.38 10.42
C VAL A 103 26.63 -28.73 10.43
N LYS A 104 27.42 -29.80 10.42
CA LYS A 104 26.85 -31.14 10.37
C LYS A 104 26.27 -31.55 11.71
N ASN A 105 25.30 -32.46 11.65
CA ASN A 105 24.80 -33.13 12.83
C ASN A 105 24.14 -32.22 13.86
N VAL A 106 23.49 -31.15 13.35
CA VAL A 106 22.70 -30.27 14.18
C VAL A 106 21.37 -30.96 14.48
N ASN A 107 20.95 -30.91 15.74
CA ASN A 107 19.74 -31.60 16.18
C ASN A 107 18.47 -30.79 15.84
N TYR A 108 18.18 -30.72 14.54
CA TYR A 108 17.08 -29.89 14.02
C TYR A 108 15.72 -30.37 14.53
N TYR A 109 15.60 -31.67 14.86
CA TYR A 109 14.31 -32.29 15.22
C TYR A 109 13.68 -31.68 16.45
N ASN A 110 14.51 -31.24 17.39
CA ASN A 110 14.05 -30.65 18.61
C ASN A 110 15.11 -29.70 19.12
N MET A 111 14.83 -28.42 19.02
CA MET A 111 15.84 -27.39 19.27
C MET A 111 15.17 -26.03 19.39
N VAL A 112 15.88 -25.12 20.04
CA VAL A 112 15.59 -23.70 19.97
C VAL A 112 16.74 -23.07 19.21
N LEU A 113 16.40 -22.23 18.23
CA LEU A 113 17.36 -21.46 17.49
C LEU A 113 17.15 -20.01 17.81
N GLU A 114 18.21 -19.32 18.17
CA GLU A 114 18.22 -17.87 18.35
C GLU A 114 19.17 -17.24 17.32
N LEU A 115 18.61 -16.30 16.57
CA LEU A 115 19.39 -15.53 15.60
C LEU A 115 19.43 -14.11 16.09
N LYS A 116 20.62 -13.51 16.15
CA LYS A 116 20.76 -12.10 16.51
C LYS A 116 21.72 -11.37 15.57
N GLY A 117 21.49 -10.09 15.42
CA GLY A 117 22.40 -9.23 14.69
C GLY A 117 21.86 -7.83 14.59
N TYR A 118 22.51 -7.01 13.77
CA TYR A 118 22.08 -5.60 13.52
C TYR A 118 21.71 -5.50 12.08
N PHE A 119 20.47 -5.12 11.84
CA PHE A 119 19.95 -4.91 10.51
C PHE A 119 20.30 -3.50 10.07
N LYS A 120 20.94 -3.37 8.93
CA LYS A 120 21.31 -2.09 8.36
C LYS A 120 20.36 -1.76 7.19
N ALA A 121 19.71 -0.62 7.27
CA ALA A 121 18.94 -0.17 6.11
C ALA A 121 19.93 0.40 5.12
N ASP A 122 19.84 0.00 3.87
CA ASP A 122 20.64 0.55 2.80
CA ASP A 122 20.72 0.63 2.88
C ASP A 122 20.04 1.89 2.38
N VAL A 123 18.78 1.82 2.01
CA VAL A 123 18.01 2.98 1.55
C VAL A 123 16.91 3.25 2.60
N SER A 124 16.38 4.47 2.61
CA SER A 124 15.26 4.77 3.48
C SER A 124 13.98 4.18 2.94
N GLY A 125 13.10 3.77 3.85
CA GLY A 125 11.78 3.31 3.46
C GLY A 125 11.26 2.26 4.38
N ASP A 126 10.15 1.68 3.95
CA ASP A 126 9.50 0.63 4.67
C ASP A 126 10.15 -0.69 4.38
N TYR A 127 10.58 -1.34 5.46
CA TYR A 127 11.13 -2.70 5.40
C TYR A 127 10.21 -3.63 6.14
N LYS A 128 9.95 -4.79 5.55
CA LYS A 128 9.05 -5.77 6.13
C LYS A 128 9.77 -7.07 6.41
N LEU A 129 9.53 -7.60 7.60
CA LEU A 129 10.03 -8.89 8.03
C LEU A 129 8.85 -9.82 8.19
N THR A 130 8.90 -10.95 7.51
CA THR A 130 7.76 -11.85 7.45
C THR A 130 8.18 -13.22 7.92
N LEU A 131 7.34 -13.79 8.77
CA LEU A 131 7.46 -15.17 9.18
C LEU A 131 6.28 -15.93 8.58
N SER A 132 6.58 -17.01 7.86
CA SER A 132 5.58 -17.76 7.11
C SER A 132 5.58 -19.25 7.42
N HIS A 133 4.39 -19.82 7.66
CA HIS A 133 4.19 -21.26 7.82
C HIS A 133 5.21 -21.91 8.74
N ILE A 134 5.46 -21.26 9.87
CA ILE A 134 6.51 -21.69 10.77
C ILE A 134 6.11 -23.00 11.45
N ASP A 135 7.05 -23.95 11.51
CA ASP A 135 6.84 -25.19 12.24
C ASP A 135 8.09 -25.36 13.14
N ASP A 136 8.00 -25.21 14.46
CA ASP A 136 6.77 -25.09 15.25
C ASP A 136 6.38 -23.68 15.68
N SER A 137 7.35 -22.84 16.02
CA SER A 137 7.00 -21.50 16.48
C SER A 137 8.17 -20.54 16.32
N SER A 138 7.84 -19.25 16.21
CA SER A 138 8.88 -18.24 16.14
C SER A 138 8.39 -16.90 16.72
N MET A 139 9.30 -16.19 17.36
CA MET A 139 9.06 -14.88 17.92
C MET A 139 10.13 -13.96 17.44
N LEU A 140 9.73 -12.77 16.99
N LEU A 140 9.74 -12.77 16.97
CA LEU A 140 10.67 -11.81 16.45
CA LEU A 140 10.68 -11.78 16.40
C LEU A 140 10.68 -10.50 17.23
C LEU A 140 10.69 -10.49 17.21
N PHE A 141 11.89 -9.98 17.48
CA PHE A 141 12.12 -8.74 18.19
C PHE A 141 12.90 -7.82 17.24
N PHE A 142 12.45 -6.60 17.06
CA PHE A 142 13.13 -5.68 16.16
CA PHE A 142 13.12 -5.70 16.14
C PHE A 142 13.18 -4.28 16.74
N GLY A 143 14.39 -3.81 17.05
CA GLY A 143 14.56 -2.65 17.90
C GLY A 143 14.57 -1.36 17.11
N LYS A 144 14.50 -0.26 17.85
CA LYS A 144 14.70 1.03 17.25
C LYS A 144 16.19 1.15 16.92
N GLU A 145 16.49 2.18 16.20
CA GLU A 145 17.81 2.46 15.77
C GLU A 145 18.81 2.45 16.89
N THR A 146 19.96 1.79 16.71
CA THR A 146 20.98 1.83 17.73
C THR A 146 21.86 3.07 17.61
N ALA A 147 22.22 3.62 18.76
CA ALA A 147 23.27 4.63 18.83
C ALA A 147 24.62 3.94 18.81
N PHE A 148 25.66 4.73 18.55
CA PHE A 148 27.00 4.21 18.48
C PHE A 148 27.97 5.05 19.29
N LYS A 149 28.99 4.40 19.77
CA LYS A 149 30.23 5.05 20.15
C LYS A 149 31.20 4.80 19.02
N CYS A 150 31.75 5.89 18.48
CA CYS A 150 32.64 5.83 17.33
C CYS A 150 34.10 5.85 17.77
N CYS A 151 34.85 4.84 17.36
CA CYS A 151 36.28 4.71 17.70
C CYS A 151 37.14 4.63 16.46
N ASP A 152 38.46 4.75 16.64
CA ASP A 152 39.38 4.73 15.51
C ASP A 152 39.32 3.41 14.74
N ALA A 153 39.19 2.33 15.48
CA ALA A 153 39.22 0.96 14.92
C ALA A 153 37.84 0.45 14.49
N GLY A 154 36.79 1.23 14.77
CA GLY A 154 35.43 0.82 14.41
C GLY A 154 34.37 1.38 15.33
N SER A 155 33.14 0.89 15.18
CA SER A 155 32.00 1.42 15.89
C SER A 155 31.49 0.43 16.93
N ILE A 156 30.96 0.98 18.00
CA ILE A 156 30.38 0.15 19.06
C ILE A 156 28.91 0.47 19.21
N PRO A 157 28.06 -0.51 18.89
CA PRO A 157 26.64 -0.25 19.09
C PRO A 157 26.29 -0.22 20.57
N LEU A 158 25.54 0.78 20.97
CA LEU A 158 25.20 0.95 22.36
C LEU A 158 23.88 0.24 22.73
N ASN A 159 23.04 -0.07 21.74
CA ASN A 159 21.65 -0.53 21.93
C ASN A 159 21.34 -1.95 21.49
N GLU A 160 20.57 -2.62 22.32
CA GLU A 160 20.66 -4.06 22.33
C GLU A 160 19.66 -4.60 23.30
N ALA A 161 19.43 -5.90 23.19
CA ALA A 161 18.31 -6.54 23.79
C ALA A 161 17.01 -5.67 23.77
N PRO A 162 16.43 -5.52 22.56
CA PRO A 162 15.02 -5.28 22.44
C PRO A 162 14.28 -6.46 23.09
N THR A 163 13.34 -6.13 23.96
CA THR A 163 12.80 -7.09 24.91
C THR A 163 11.33 -7.38 24.60
N ASP A 164 10.64 -6.47 23.92
CA ASP A 164 9.24 -6.69 23.54
C ASP A 164 9.17 -7.25 22.14
N TYR A 165 8.49 -8.38 22.00
CA TYR A 165 8.34 -8.98 20.70
C TYR A 165 7.39 -8.19 19.82
N SER A 166 7.54 -8.39 18.52
CA SER A 166 6.63 -7.85 17.53
C SER A 166 5.71 -8.95 17.05
N LEU A 167 6.29 -10.09 16.69
CA LEU A 167 5.57 -11.18 16.04
C LEU A 167 5.78 -12.45 16.82
N PHE A 168 4.70 -13.21 16.96
CA PHE A 168 4.72 -14.52 17.56
C PHE A 168 3.78 -15.40 16.76
N THR A 169 4.33 -16.39 16.09
CA THR A 169 3.56 -17.32 15.27
C THR A 169 3.79 -18.75 15.78
N ILE A 170 2.71 -19.52 15.88
CA ILE A 170 2.76 -20.86 16.38
C ILE A 170 1.94 -21.80 15.49
N LYS A 171 2.55 -22.92 15.09
CA LYS A 171 1.83 -23.95 14.35
C LYS A 171 0.83 -24.64 15.26
N PRO A 172 -0.47 -24.64 14.88
CA PRO A 172 -1.42 -25.33 15.73
C PRO A 172 -1.03 -26.81 15.79
N SER A 173 -1.26 -27.44 16.93
CA SER A 173 -0.78 -28.78 17.19
C SER A 173 -1.38 -29.71 16.16
N ASN A 174 -0.49 -30.39 15.42
CA ASN A 174 -0.86 -31.48 14.51
C ASN A 174 -1.64 -30.99 13.27
N GLN A 175 -1.76 -29.66 13.06
CA GLN A 175 -2.36 -29.11 11.82
C GLN A 175 -1.49 -28.03 11.12
N VAL A 176 -1.86 -27.70 9.89
CA VAL A 176 -0.99 -26.85 9.06
C VAL A 176 -0.85 -25.46 9.70
N ASN A 177 0.31 -24.84 9.56
CA ASN A 177 0.48 -23.44 9.95
C ASN A 177 0.24 -22.56 8.73
N SER A 178 -0.98 -22.00 8.62
CA SER A 178 -1.34 -21.20 7.45
C SER A 178 -1.01 -19.74 7.67
N GLU A 179 -0.43 -19.46 8.83
CA GLU A 179 -0.15 -18.10 9.22
C GLU A 179 1.02 -17.51 8.45
N VAL A 180 0.84 -16.28 7.97
CA VAL A 180 1.89 -15.44 7.46
C VAL A 180 1.76 -14.13 8.23
N ILE A 181 2.75 -13.83 9.06
CA ILE A 181 2.69 -12.64 9.91
C ILE A 181 3.90 -11.74 9.62
N SER A 182 3.66 -10.43 9.63
CA SER A 182 4.69 -9.51 9.19
C SER A 182 4.69 -8.24 10.01
N ALA A 183 5.87 -7.64 10.06
CA ALA A 183 6.07 -6.36 10.70
C ALA A 183 6.80 -5.49 9.69
N THR A 184 6.20 -4.35 9.39
CA THR A 184 6.74 -3.36 8.49
C THR A 184 6.99 -2.07 9.30
N GLN A 185 8.17 -1.47 9.12
CA GLN A 185 8.44 -0.17 9.73
C GLN A 185 9.39 0.60 8.85
N TYR A 186 9.37 1.91 9.02
CA TYR A 186 10.22 2.79 8.27
C TYR A 186 11.60 2.77 8.87
N LEU A 187 12.59 2.49 8.03
CA LEU A 187 13.99 2.55 8.40
C LEU A 187 14.71 3.65 7.63
N GLU A 188 15.67 4.27 8.28
CA GLU A 188 16.46 5.35 7.72
CA GLU A 188 16.44 5.34 7.71
C GLU A 188 17.74 4.81 7.08
N ALA A 189 18.06 5.30 5.90
CA ALA A 189 19.26 4.88 5.20
C ALA A 189 20.51 4.96 6.08
N GLY A 190 21.25 3.86 6.14
CA GLY A 190 22.53 3.80 6.81
C GLY A 190 22.48 3.53 8.30
N LYS A 191 21.28 3.45 8.87
N LYS A 191 21.28 3.45 8.87
CA LYS A 191 21.11 3.23 10.29
CA LYS A 191 21.11 3.23 10.29
C LYS A 191 20.98 1.73 10.60
C LYS A 191 20.98 1.73 10.60
N TYR A 192 21.33 1.37 11.82
CA TYR A 192 21.33 -0.02 12.24
C TYR A 192 20.28 -0.27 13.31
N TYR A 193 19.67 -1.44 13.22
CA TYR A 193 18.50 -1.79 14.07
C TYR A 193 18.72 -3.21 14.60
N PRO A 194 18.87 -3.36 15.93
CA PRO A 194 19.10 -4.69 16.45
C PRO A 194 17.88 -5.60 16.23
N VAL A 195 18.14 -6.86 15.90
CA VAL A 195 17.09 -7.80 15.63
C VAL A 195 17.42 -9.13 16.34
N ARG A 196 16.37 -9.80 16.83
CA ARG A 196 16.50 -11.14 17.39
C ARG A 196 15.31 -11.97 16.94
N ILE A 197 15.59 -13.17 16.46
CA ILE A 197 14.52 -14.10 16.09
C ILE A 197 14.74 -15.39 16.83
N VAL A 198 13.67 -15.88 17.45
CA VAL A 198 13.74 -17.14 18.17
C VAL A 198 12.85 -18.10 17.39
N PHE A 199 13.34 -19.31 17.15
CA PHE A 199 12.61 -20.34 16.43
C PHE A 199 12.68 -21.64 17.23
N VAL A 200 11.56 -22.33 17.38
CA VAL A 200 11.55 -23.64 18.05
C VAL A 200 10.97 -24.71 17.12
N ASN A 201 11.69 -25.83 17.06
CA ASN A 201 11.14 -27.07 16.56
C ASN A 201 10.96 -28.04 17.72
N ALA A 202 9.72 -28.48 17.93
CA ALA A 202 9.40 -29.44 18.97
C ALA A 202 9.60 -30.88 18.54
N LEU A 203 9.41 -31.18 17.27
CA LEU A 203 9.57 -32.51 16.71
C LEU A 203 9.43 -32.46 15.20
N GLU A 204 10.04 -33.42 14.53
CA GLU A 204 9.93 -33.67 13.12
C GLU A 204 10.34 -32.44 12.30
N ARG A 205 9.46 -31.98 11.42
CA ARG A 205 9.85 -30.92 10.49
C ARG A 205 10.15 -29.61 11.21
N ALA A 206 11.26 -28.99 10.80
CA ALA A 206 11.65 -27.64 11.23
C ALA A 206 11.52 -26.74 10.03
N ARG A 207 10.48 -25.89 10.03
CA ARG A 207 10.24 -25.00 8.91
C ARG A 207 10.37 -23.58 9.44
N PHE A 208 11.44 -22.92 9.03
CA PHE A 208 11.71 -21.54 9.43
C PHE A 208 11.86 -20.70 8.18
N ASP A 209 10.80 -19.98 7.85
CA ASP A 209 10.69 -19.20 6.63
C ASP A 209 10.60 -17.73 7.07
N PHE A 210 11.68 -17.00 6.81
CA PHE A 210 11.89 -15.67 7.33
C PHE A 210 12.41 -14.81 6.20
N LYS A 211 11.60 -13.83 5.77
CA LYS A 211 11.92 -13.09 4.54
C LYS A 211 11.85 -11.61 4.77
N LEU A 212 12.62 -10.91 3.96
CA LEU A 212 12.77 -9.48 4.03
C LEU A 212 12.22 -8.89 2.76
N THR A 213 11.34 -7.91 2.89
CA THR A 213 10.91 -7.16 1.75
C THR A 213 11.49 -5.75 1.93
N ILE A 214 12.22 -5.31 0.92
CA ILE A 214 12.92 -4.02 1.00
C ILE A 214 12.08 -2.96 0.30
N PRO A 215 12.45 -1.66 0.43
CA PRO A 215 11.56 -0.61 -0.10
C PRO A 215 11.30 -0.68 -1.60
N SER A 216 12.20 -1.28 -2.37
CA SER A 216 11.96 -1.50 -3.79
C SER A 216 10.79 -2.45 -4.09
N GLY A 217 10.41 -3.27 -3.10
CA GLY A 217 9.42 -4.33 -3.30
C GLY A 217 10.04 -5.72 -3.42
N ALA A 218 11.36 -5.80 -3.61
CA ALA A 218 12.04 -7.09 -3.73
C ALA A 218 11.91 -7.86 -2.45
N VAL A 219 11.66 -9.17 -2.59
CA VAL A 219 11.53 -10.07 -1.44
C VAL A 219 12.79 -10.92 -1.40
N LEU A 220 13.51 -10.88 -0.27
CA LEU A 220 14.80 -11.53 -0.16
CA LEU A 220 14.82 -11.53 -0.16
C LEU A 220 14.81 -12.61 0.93
N ASP A 221 15.44 -13.72 0.64
CA ASP A 221 15.74 -14.72 1.70
CA ASP A 221 15.78 -14.75 1.61
C ASP A 221 17.19 -14.60 2.15
N ASP A 222 17.98 -13.79 1.45
CA ASP A 222 19.39 -13.57 1.73
C ASP A 222 19.57 -12.19 2.29
N PHE A 223 20.13 -12.12 3.50
CA PHE A 223 20.28 -10.87 4.25
C PHE A 223 21.68 -10.30 4.13
N GLN A 224 22.52 -10.87 3.27
CA GLN A 224 23.87 -10.35 3.09
C GLN A 224 23.79 -8.89 2.63
N ASN A 225 24.58 -8.06 3.31
CA ASN A 225 24.60 -6.63 3.14
C ASN A 225 23.46 -5.90 3.84
N TYR A 226 22.66 -6.64 4.59
CA TYR A 226 21.69 -6.07 5.51
C TYR A 226 21.97 -6.46 6.99
N ILE A 227 22.54 -7.64 7.24
CA ILE A 227 22.65 -8.13 8.60
C ILE A 227 24.14 -8.20 9.01
N TYR A 228 24.44 -7.63 10.17
CA TYR A 228 25.82 -7.48 10.62
C TYR A 228 25.99 -7.78 12.10
N GLN A 229 27.25 -8.07 12.42
CA GLN A 229 27.79 -7.99 13.78
C GLN A 229 28.83 -6.88 13.78
N PHE A 230 29.13 -6.38 14.96
CA PHE A 230 30.21 -5.41 15.17
C PHE A 230 31.24 -6.06 16.02
N GLY A 231 32.44 -6.20 15.50
CA GLY A 231 33.56 -6.77 16.24
C GLY A 231 33.87 -5.93 17.45
N ASP A 232 34.22 -6.58 18.55
CA ASP A 232 34.64 -5.88 19.74
C ASP A 232 35.93 -5.17 19.46
N LEU A 233 36.18 -4.12 20.23
CA LEU A 233 37.48 -3.46 20.17
C LEU A 233 37.91 -3.01 21.53
N ASP A 234 39.21 -2.76 21.68
CA ASP A 234 39.79 -2.33 22.94
C ASP A 234 39.30 -0.94 23.27
N GLU A 235 38.48 -0.81 24.30
CA GLU A 235 37.85 0.49 24.59
C GLU A 235 38.85 1.51 25.18
N ASN A 236 40.00 1.04 25.66
CA ASN A 236 41.09 1.93 26.06
C ASN A 236 41.66 2.66 24.88
N SER A 237 41.61 2.06 23.69
CA SER A 237 42.24 2.65 22.48
C SER A 237 41.16 3.10 21.50
N CYS A 238 39.98 3.42 22.03
CA CYS A 238 38.89 3.85 21.19
C CYS A 238 39.30 5.14 20.46
N HIS A 239 39.80 6.09 21.26
CA HIS A 239 40.52 7.25 20.78
C HIS A 239 42.00 7.31 21.24
N GLU A 240 42.69 8.32 20.72
CA GLU A 240 44.12 8.54 21.02
C GLU A 240 44.29 9.58 22.12
N THR B 32 21.97 -2.22 -27.27
CA THR B 32 21.22 -1.05 -26.68
C THR B 32 21.74 -0.71 -25.31
N ALA B 33 22.16 0.53 -25.14
CA ALA B 33 22.70 1.02 -23.87
C ALA B 33 21.68 1.84 -23.12
N TYR B 34 21.39 1.46 -21.87
CA TYR B 34 20.48 2.22 -21.04
C TYR B 34 21.21 3.06 -19.99
N GLY B 35 22.53 3.18 -20.17
CA GLY B 35 23.36 4.06 -19.37
C GLY B 35 24.73 4.23 -20.00
N CYS B 36 25.50 5.17 -19.48
CA CYS B 36 26.85 5.50 -19.98
C CYS B 36 27.80 5.75 -18.81
N ASP B 37 29.08 5.48 -19.00
CA ASP B 37 30.08 5.81 -17.99
C ASP B 37 30.16 7.30 -17.73
N ILE B 38 30.09 8.10 -18.80
CA ILE B 38 30.22 9.55 -18.70
C ILE B 38 28.87 10.24 -18.86
N THR B 39 28.38 10.78 -17.76
CA THR B 39 27.07 11.48 -17.76
C THR B 39 27.25 12.87 -17.15
N THR B 40 28.47 13.43 -17.32
CA THR B 40 28.83 14.70 -16.72
C THR B 40 28.01 15.87 -17.28
N ASN B 41 27.36 15.64 -18.43
CA ASN B 41 26.55 16.64 -19.09
C ASN B 41 25.11 16.67 -18.57
N ALA B 42 24.78 15.83 -17.60
CA ALA B 42 23.45 15.88 -16.96
C ALA B 42 23.38 17.04 -15.99
N VAL B 43 22.36 17.88 -16.16
CA VAL B 43 22.18 19.06 -15.36
C VAL B 43 20.75 19.09 -14.87
N ASP B 44 20.53 19.88 -13.84
CA ASP B 44 19.31 19.78 -13.08
C ASP B 44 18.20 20.39 -13.82
N GLY B 45 17.01 19.85 -13.65
CA GLY B 45 15.79 20.60 -13.91
C GLY B 45 14.99 20.29 -15.14
N PHE B 46 13.69 20.55 -15.05
CA PHE B 46 12.83 20.57 -16.19
C PHE B 46 13.25 21.75 -17.12
N ASP B 47 13.08 21.53 -18.42
CA ASP B 47 13.00 22.62 -19.37
C ASP B 47 11.53 22.95 -19.52
N ALA B 48 11.23 24.23 -19.32
CA ALA B 48 9.89 24.78 -19.44
C ALA B 48 9.82 25.57 -20.74
N THR B 49 8.81 25.27 -21.53
CA THR B 49 8.51 26.07 -22.70
C THR B 49 7.10 26.58 -22.53
N ILE B 50 6.96 27.89 -22.66
CA ILE B 50 5.67 28.54 -22.54
C ILE B 50 5.23 28.97 -23.92
N TYR B 51 4.00 28.59 -24.27
CA TYR B 51 3.40 28.87 -25.57
C TYR B 51 2.15 29.71 -25.46
N GLN B 52 1.85 30.38 -26.55
CA GLN B 52 0.64 31.16 -26.67
C GLN B 52 -0.62 30.29 -26.57
N TYR B 53 -1.61 30.79 -25.86
CA TYR B 53 -2.91 30.15 -25.75
C TYR B 53 -4.00 31.23 -25.69
N ASN B 54 -5.10 31.02 -26.41
CA ASN B 54 -6.12 32.07 -26.51
C ASN B 54 -6.85 32.25 -25.19
N ALA B 55 -6.87 33.46 -24.66
CA ALA B 55 -7.62 33.71 -23.43
C ALA B 55 -9.06 33.27 -23.55
N ASN B 56 -9.57 32.62 -22.51
CA ASN B 56 -10.97 32.18 -22.41
C ASN B 56 -11.35 30.99 -23.26
N ASP B 57 -10.36 30.35 -23.88
CA ASP B 57 -10.63 29.18 -24.69
C ASP B 57 -10.78 27.99 -23.74
N LEU B 58 -12.04 27.62 -23.48
CA LEU B 58 -12.32 26.48 -22.61
C LEU B 58 -12.63 25.23 -23.40
N ARG B 59 -12.32 25.26 -24.68
CA ARG B 59 -12.52 24.09 -25.55
C ARG B 59 -11.24 23.27 -25.66
N LEU B 60 -10.13 23.93 -25.98
CA LEU B 60 -8.91 23.19 -26.28
C LEU B 60 -8.27 22.54 -25.05
N ILE B 61 -8.57 23.07 -23.85
CA ILE B 61 -8.11 22.47 -22.60
C ILE B 61 -8.62 21.04 -22.40
N ARG B 62 -9.72 20.69 -23.06
N ARG B 62 -9.72 20.69 -23.06
N ARG B 62 -9.71 20.70 -23.07
CA ARG B 62 -10.28 19.33 -22.94
CA ARG B 62 -10.30 19.37 -22.95
CA ARG B 62 -10.27 19.36 -22.96
C ARG B 62 -9.99 18.50 -24.18
C ARG B 62 -10.03 18.51 -24.21
C ARG B 62 -9.91 18.47 -24.14
N ASP B 63 -9.21 19.02 -25.13
CA ASP B 63 -9.01 18.36 -26.40
C ASP B 63 -7.72 17.57 -26.28
N PRO B 64 -7.82 16.22 -26.26
CA PRO B 64 -6.59 15.44 -26.04
C PRO B 64 -5.53 15.57 -27.14
N THR B 65 -5.94 15.83 -28.38
CA THR B 65 -4.99 16.08 -29.43
C THR B 65 -4.24 17.40 -29.18
N PHE B 66 -4.97 18.43 -28.77
CA PHE B 66 -4.34 19.70 -28.51
C PHE B 66 -3.32 19.58 -27.37
N MET B 67 -3.74 18.89 -26.32
CA MET B 67 -2.87 18.72 -25.15
C MET B 67 -1.66 17.87 -25.40
N SER B 68 -1.75 16.95 -26.37
CA SER B 68 -0.65 16.04 -26.65
C SER B 68 0.31 16.50 -27.77
N THR B 69 -0.24 17.09 -28.83
CA THR B 69 0.57 17.57 -29.97
C THR B 69 0.22 18.98 -30.49
N GLY B 70 -1.05 19.35 -30.41
CA GLY B 70 -1.56 20.56 -31.03
C GLY B 70 -0.95 21.84 -30.51
N TYR B 71 -0.63 21.86 -29.22
CA TYR B 71 -0.03 23.05 -28.64
C TYR B 71 1.28 23.44 -29.29
N LEU B 72 1.98 22.45 -29.81
CA LEU B 72 3.33 22.65 -30.38
C LEU B 72 3.29 23.53 -31.63
N GLY B 73 2.11 23.71 -32.21
CA GLY B 73 1.94 24.61 -33.37
C GLY B 73 1.82 26.07 -32.97
N ARG B 74 1.79 26.36 -31.67
CA ARG B 74 1.63 27.72 -31.19
C ARG B 74 2.99 28.39 -31.00
N ASN B 75 2.95 29.71 -31.00
CA ASN B 75 4.17 30.45 -30.75
C ASN B 75 4.72 30.30 -29.37
N VAL B 76 6.04 30.26 -29.33
CA VAL B 76 6.76 30.16 -28.09
C VAL B 76 6.88 31.57 -27.46
N LEU B 77 6.49 31.68 -26.20
CA LEU B 77 6.62 32.93 -25.42
C LEU B 77 7.85 32.96 -24.56
N ASN B 78 8.24 31.82 -24.01
CA ASN B 78 9.39 31.72 -23.12
C ASN B 78 9.99 30.35 -23.16
N LYS B 79 11.30 30.32 -22.96
CA LYS B 79 12.05 29.11 -22.73
C LYS B 79 12.82 29.33 -21.45
N ILE B 80 12.62 28.43 -20.48
CA ILE B 80 13.17 28.55 -19.17
C ILE B 80 13.75 27.19 -18.78
N SER B 81 15.03 27.15 -18.45
CA SER B 81 15.69 25.90 -18.06
C SER B 81 15.96 25.86 -16.55
N GLY B 82 16.32 24.69 -16.06
CA GLY B 82 16.75 24.56 -14.67
C GLY B 82 15.66 24.56 -13.63
N VAL B 83 14.44 24.21 -14.03
CA VAL B 83 13.30 24.26 -13.11
C VAL B 83 13.22 23.00 -12.26
N THR B 84 13.47 23.06 -10.95
CA THR B 84 13.39 21.89 -10.07
C THR B 84 12.11 21.89 -9.22
N VAL B 85 11.54 23.07 -8.97
CA VAL B 85 10.31 23.18 -8.18
C VAL B 85 9.23 23.74 -9.12
N PRO B 86 8.47 22.85 -9.79
CA PRO B 86 7.59 23.24 -10.93
C PRO B 86 6.19 23.81 -10.54
N GLY B 87 5.76 23.60 -9.30
CA GLY B 87 4.41 23.95 -8.88
C GLY B 87 4.17 25.44 -8.66
N PHE B 88 2.97 25.87 -8.98
CA PHE B 88 2.56 27.23 -8.70
C PHE B 88 1.05 27.33 -8.59
N ASN B 89 0.58 28.43 -7.99
CA ASN B 89 -0.82 28.76 -7.95
C ASN B 89 -0.87 30.26 -8.00
N ILE B 90 -1.12 30.76 -9.20
CA ILE B 90 -0.94 32.17 -9.47
C ILE B 90 -2.25 32.73 -9.90
N TRP B 91 -2.63 33.82 -9.25
CA TRP B 91 -3.84 34.55 -9.64
C TRP B 91 -3.74 35.98 -9.14
N ASN B 92 -3.59 36.91 -10.07
CA ASN B 92 -3.50 38.34 -9.72
C ASN B 92 -4.62 39.02 -10.46
N PRO B 93 -5.69 39.39 -9.74
CA PRO B 93 -6.82 40.06 -10.39
C PRO B 93 -6.45 41.34 -11.12
N SER B 94 -5.27 41.88 -10.85
CA SER B 94 -4.85 43.15 -11.44
CA SER B 94 -4.84 43.17 -11.38
C SER B 94 -3.75 43.03 -12.46
N SER B 95 -3.32 41.80 -12.78
CA SER B 95 -2.33 41.62 -13.86
C SER B 95 -2.46 40.24 -14.51
N ARG B 96 -2.34 40.21 -15.83
CA ARG B 96 -2.31 38.95 -16.57
C ARG B 96 -0.91 38.38 -16.70
N THR B 97 0.09 39.07 -16.12
CA THR B 97 1.43 38.59 -16.09
C THR B 97 1.96 38.46 -14.66
N ALA B 98 2.98 37.63 -14.50
CA ALA B 98 3.55 37.36 -13.22
C ALA B 98 4.91 36.76 -13.43
N THR B 99 5.67 36.74 -12.35
CA THR B 99 6.94 36.07 -12.33
C THR B 99 6.69 34.55 -12.22
N VAL B 100 7.19 33.80 -13.18
CA VAL B 100 7.05 32.34 -13.18
C VAL B 100 8.43 31.76 -13.38
N TYR B 101 8.81 30.86 -12.48
CA TYR B 101 10.11 30.23 -12.49
C TYR B 101 11.26 31.26 -12.59
N GLY B 102 11.11 32.39 -11.90
CA GLY B 102 12.15 33.40 -11.82
C GLY B 102 12.16 34.40 -12.97
N VAL B 103 11.27 34.23 -13.93
CA VAL B 103 11.23 35.05 -15.13
C VAL B 103 10.07 36.02 -15.01
N LYS B 104 10.39 37.31 -15.13
CA LYS B 104 9.37 38.34 -14.97
C LYS B 104 8.44 38.39 -16.17
N ASN B 105 7.20 38.86 -15.93
CA ASN B 105 6.26 39.21 -16.98
C ASN B 105 5.85 38.04 -17.87
N VAL B 106 5.78 36.85 -17.27
CA VAL B 106 5.26 35.69 -17.94
C VAL B 106 3.75 35.80 -17.98
N ASN B 107 3.17 35.53 -19.14
CA ASN B 107 1.74 35.64 -19.34
C ASN B 107 0.98 34.42 -18.79
N TYR B 108 0.96 34.29 -17.46
CA TYR B 108 0.37 33.15 -16.77
C TYR B 108 -1.15 33.01 -17.01
N TYR B 109 -1.84 34.13 -17.28
CA TYR B 109 -3.29 34.19 -17.39
C TYR B 109 -3.81 33.32 -18.51
N ASN B 110 -3.05 33.20 -19.59
CA ASN B 110 -3.45 32.38 -20.72
C ASN B 110 -2.21 31.91 -21.43
N MET B 111 -1.94 30.61 -21.28
CA MET B 111 -0.68 30.06 -21.73
C MET B 111 -0.75 28.55 -21.75
N VAL B 112 0.15 27.95 -22.53
CA VAL B 112 0.46 26.54 -22.40
C VAL B 112 1.86 26.45 -21.84
N LEU B 113 2.06 25.56 -20.87
CA LEU B 113 3.34 25.27 -20.32
C LEU B 113 3.67 23.82 -20.60
N GLU B 114 4.86 23.59 -21.12
CA GLU B 114 5.37 22.26 -21.34
C GLU B 114 6.62 22.11 -20.49
N LEU B 115 6.60 21.07 -19.65
CA LEU B 115 7.75 20.72 -18.86
C LEU B 115 8.27 19.39 -19.40
N LYS B 116 9.56 19.33 -19.71
CA LYS B 116 10.18 18.11 -20.17
C LYS B 116 11.49 17.88 -19.47
N GLY B 117 11.84 16.60 -19.30
CA GLY B 117 13.14 16.25 -18.79
C GLY B 117 13.26 14.74 -18.69
N TYR B 118 14.33 14.29 -18.04
CA TYR B 118 14.58 12.86 -17.80
C TYR B 118 14.61 12.61 -16.33
N PHE B 119 13.74 11.73 -15.91
CA PHE B 119 13.63 11.38 -14.52
C PHE B 119 14.59 10.24 -14.21
N LYS B 120 15.49 10.44 -13.25
CA LYS B 120 16.45 9.41 -12.88
CA LYS B 120 16.46 9.41 -12.87
C LYS B 120 15.99 8.75 -11.59
N ALA B 121 15.86 7.44 -11.60
CA ALA B 121 15.58 6.71 -10.38
C ALA B 121 16.90 6.52 -9.65
N ASP B 122 17.07 7.05 -8.45
CA ASP B 122 18.33 6.78 -7.74
C ASP B 122 18.28 5.36 -7.16
N VAL B 123 17.11 4.98 -6.65
CA VAL B 123 16.88 3.65 -6.10
C VAL B 123 15.78 2.95 -6.88
N SER B 124 15.77 1.64 -6.84
CA SER B 124 14.70 0.87 -7.44
C SER B 124 13.45 0.93 -6.62
N GLY B 125 12.31 0.90 -7.29
CA GLY B 125 11.05 0.87 -6.62
C GLY B 125 9.95 1.61 -7.34
N ASP B 126 8.82 1.71 -6.66
CA ASP B 126 7.65 2.38 -7.18
C ASP B 126 7.74 3.88 -6.95
N TYR B 127 7.63 4.60 -8.06
CA TYR B 127 7.57 6.07 -8.03
C TYR B 127 6.24 6.51 -8.52
N LYS B 128 5.66 7.49 -7.83
CA LYS B 128 4.37 8.02 -8.16
C LYS B 128 4.44 9.51 -8.54
N LEU B 129 3.75 9.83 -9.62
CA LEU B 129 3.62 11.21 -10.08
C LEU B 129 2.16 11.60 -9.97
N THR B 130 1.91 12.72 -9.32
CA THR B 130 0.58 13.13 -8.98
C THR B 130 0.32 14.56 -9.47
N LEU B 131 -0.81 14.73 -10.12
CA LEU B 131 -1.32 16.06 -10.51
C LEU B 131 -2.53 16.36 -9.66
N SER B 132 -2.56 17.54 -9.04
CA SER B 132 -3.58 17.89 -8.09
C SER B 132 -4.17 19.27 -8.37
N HIS B 133 -5.48 19.38 -8.27
CA HIS B 133 -6.18 20.65 -8.32
C HIS B 133 -5.84 21.55 -9.50
N ILE B 134 -5.61 20.94 -10.64
CA ILE B 134 -5.08 21.67 -11.80
C ILE B 134 -6.11 22.66 -12.36
N ASP B 135 -5.67 23.89 -12.60
CA ASP B 135 -6.50 24.91 -13.22
C ASP B 135 -5.68 25.53 -14.35
N ASP B 136 -5.96 25.24 -15.63
CA ASP B 136 -7.19 24.60 -16.12
C ASP B 136 -7.07 23.12 -16.48
N SER B 137 -5.96 22.72 -17.08
CA SER B 137 -5.80 21.33 -17.46
C SER B 137 -4.35 20.91 -17.55
N SER B 138 -4.12 19.59 -17.45
CA SER B 138 -2.78 19.06 -17.59
C SER B 138 -2.81 17.62 -18.05
N MET B 139 -1.81 17.29 -18.86
CA MET B 139 -1.65 15.93 -19.38
C MET B 139 -0.22 15.50 -19.13
N LEU B 140 -0.08 14.35 -18.58
CA LEU B 140 1.24 13.58 -18.30
CA LEU B 140 1.25 13.77 -18.25
C LEU B 140 1.58 12.32 -19.08
N PHE B 141 2.86 12.49 -19.61
CA PHE B 141 3.43 11.38 -20.40
C PHE B 141 4.70 10.89 -19.69
N PHE B 142 4.73 9.59 -19.39
CA PHE B 142 5.79 8.98 -18.63
C PHE B 142 5.70 7.45 -18.73
N GLY B 143 6.82 6.80 -18.98
N GLY B 143 6.82 6.82 -19.00
CA GLY B 143 6.78 5.34 -19.15
CA GLY B 143 6.82 5.39 -19.22
C GLY B 143 8.12 4.62 -19.26
C GLY B 143 8.26 4.93 -19.31
N LYS B 144 8.67 4.40 -20.45
CA LYS B 144 9.83 3.52 -20.51
CA LYS B 144 9.80 3.49 -20.45
C LYS B 144 11.16 4.23 -20.36
N GLU B 145 12.19 3.50 -19.91
CA GLU B 145 13.56 3.98 -19.81
C GLU B 145 14.00 4.46 -21.18
N THR B 146 14.86 5.44 -21.18
CA THR B 146 15.52 5.84 -22.42
C THR B 146 16.83 5.06 -22.63
N ALA B 147 17.09 4.77 -23.90
CA ALA B 147 18.40 4.32 -24.30
C ALA B 147 19.31 5.55 -24.48
N PHE B 148 20.60 5.30 -24.57
CA PHE B 148 21.59 6.34 -24.75
C PHE B 148 22.58 6.02 -25.84
N LYS B 149 23.06 7.09 -26.48
CA LYS B 149 24.31 7.04 -27.21
C LYS B 149 25.33 7.65 -26.27
N CYS B 150 26.40 6.90 -26.02
CA CYS B 150 27.43 7.30 -25.11
C CYS B 150 28.58 7.89 -25.92
N CYS B 151 28.82 9.16 -25.71
CA CYS B 151 29.83 9.90 -26.47
C CYS B 151 30.95 10.20 -25.50
N ASP B 152 32.11 10.59 -26.06
CA ASP B 152 33.28 10.90 -25.25
C ASP B 152 33.01 11.99 -24.25
N ALA B 153 32.28 13.02 -24.70
CA ALA B 153 32.00 14.21 -23.88
C ALA B 153 30.74 14.11 -23.00
N GLY B 154 29.99 13.01 -23.15
CA GLY B 154 28.75 12.85 -22.36
C GLY B 154 27.72 12.00 -23.05
N SER B 155 26.53 11.97 -22.50
CA SER B 155 25.49 11.10 -22.94
C SER B 155 24.43 11.77 -23.76
N ILE B 156 23.88 11.02 -24.72
CA ILE B 156 22.75 11.50 -25.51
C ILE B 156 21.57 10.56 -25.34
N PRO B 157 20.50 11.03 -24.68
CA PRO B 157 19.30 10.19 -24.62
C PRO B 157 18.62 10.05 -25.99
N LEU B 158 18.25 8.84 -26.37
CA LEU B 158 17.68 8.56 -27.68
C LEU B 158 16.14 8.54 -27.68
N ASN B 159 15.54 8.47 -26.50
CA ASN B 159 14.10 8.25 -26.42
C ASN B 159 13.34 9.39 -25.77
N GLU B 160 12.13 9.58 -26.29
CA GLU B 160 11.20 10.56 -25.78
C GLU B 160 10.22 9.89 -24.85
N ALA B 161 9.44 10.70 -24.16
CA ALA B 161 8.40 10.16 -23.30
C ALA B 161 7.41 9.47 -24.18
N PRO B 162 6.56 8.60 -23.62
CA PRO B 162 5.58 7.86 -24.43
C PRO B 162 4.64 8.80 -25.15
N THR B 163 4.25 8.43 -26.35
CA THR B 163 3.29 9.24 -27.11
C THR B 163 1.92 9.24 -26.45
N ASP B 164 1.58 8.13 -25.78
CA ASP B 164 0.29 7.98 -25.11
C ASP B 164 0.36 8.60 -23.71
N TYR B 165 -0.62 9.42 -23.39
CA TYR B 165 -0.66 10.00 -22.03
C TYR B 165 -1.05 8.96 -21.02
N SER B 166 -0.71 9.24 -19.77
CA SER B 166 -1.11 8.47 -18.62
C SER B 166 -2.25 9.17 -17.92
N LEU B 167 -2.11 10.49 -17.67
CA LEU B 167 -3.00 11.27 -16.86
C LEU B 167 -3.46 12.49 -17.65
N PHE B 168 -4.74 12.76 -17.55
CA PHE B 168 -5.34 13.95 -18.13
C PHE B 168 -6.39 14.47 -17.12
N THR B 169 -6.17 15.68 -16.61
CA THR B 169 -7.01 16.27 -15.60
C THR B 169 -7.45 17.64 -16.08
N ILE B 170 -8.75 17.92 -15.93
CA ILE B 170 -9.37 19.15 -16.40
C ILE B 170 -10.26 19.71 -15.29
N LYS B 171 -10.05 21.00 -14.98
CA LYS B 171 -10.91 21.70 -14.00
C LYS B 171 -12.33 21.87 -14.50
N PRO B 172 -13.33 21.50 -13.70
CA PRO B 172 -14.70 21.89 -14.11
C PRO B 172 -14.90 23.39 -14.06
N SER B 173 -15.70 23.92 -14.95
CA SER B 173 -15.92 25.37 -15.01
CA SER B 173 -15.91 25.37 -15.01
C SER B 173 -16.41 25.95 -13.71
N ASN B 174 -17.22 25.20 -13.00
CA ASN B 174 -17.96 25.76 -11.87
C ASN B 174 -17.38 25.53 -10.46
N GLN B 175 -16.19 24.93 -10.36
CA GLN B 175 -15.61 24.75 -9.04
C GLN B 175 -14.09 24.55 -9.15
N VAL B 176 -13.43 24.68 -8.01
CA VAL B 176 -12.03 24.32 -7.88
C VAL B 176 -11.90 22.86 -8.28
N ASN B 177 -10.83 22.53 -8.97
CA ASN B 177 -10.60 21.16 -9.36
C ASN B 177 -10.20 20.38 -8.12
N SER B 178 -11.02 19.43 -7.69
CA SER B 178 -10.73 18.63 -6.52
C SER B 178 -9.97 17.37 -6.90
N GLU B 179 -9.70 17.22 -8.21
CA GLU B 179 -9.11 15.97 -8.71
C GLU B 179 -7.65 15.86 -8.32
N VAL B 180 -7.28 14.67 -7.82
CA VAL B 180 -5.94 14.30 -7.54
C VAL B 180 -5.70 12.97 -8.23
N ILE B 181 -4.90 13.02 -9.30
CA ILE B 181 -4.77 11.87 -10.20
C ILE B 181 -3.30 11.50 -10.28
N SER B 182 -3.03 10.20 -10.24
CA SER B 182 -1.69 9.69 -10.03
CA SER B 182 -1.66 9.74 -10.09
C SER B 182 -1.35 8.49 -10.89
N ALA B 183 -0.06 8.38 -11.22
CA ALA B 183 0.48 7.24 -11.93
C ALA B 183 1.71 6.77 -11.18
N THR B 184 1.71 5.49 -10.82
CA THR B 184 2.79 4.82 -10.11
C THR B 184 3.33 3.71 -10.99
N GLN B 185 4.65 3.63 -11.11
CA GLN B 185 5.27 2.53 -11.83
C GLN B 185 6.58 2.19 -11.15
N TYR B 186 7.05 0.99 -11.44
CA TYR B 186 8.34 0.54 -10.96
C TYR B 186 9.45 1.12 -11.82
N LEU B 187 10.43 1.74 -11.18
CA LEU B 187 11.65 2.21 -11.86
C LEU B 187 12.87 1.49 -11.36
N GLU B 188 13.85 1.32 -12.23
CA GLU B 188 15.09 0.64 -11.90
CA GLU B 188 15.12 0.66 -11.92
C GLU B 188 16.19 1.66 -11.55
N ALA B 189 16.91 1.38 -10.48
CA ALA B 189 17.98 2.26 -10.03
C ALA B 189 18.95 2.58 -11.17
N GLY B 190 19.26 3.87 -11.34
CA GLY B 190 20.25 4.35 -12.29
C GLY B 190 19.74 4.60 -13.69
N LYS B 191 18.49 4.24 -13.97
CA LYS B 191 17.93 4.41 -15.32
C LYS B 191 17.21 5.77 -15.38
N TYR B 192 17.09 6.28 -16.61
CA TYR B 192 16.45 7.54 -16.88
C TYR B 192 15.18 7.32 -17.66
N TYR B 193 14.15 8.09 -17.30
CA TYR B 193 12.84 7.93 -17.89
C TYR B 193 12.34 9.30 -18.39
N PRO B 194 12.16 9.47 -19.70
CA PRO B 194 11.70 10.78 -20.17
C PRO B 194 10.31 11.05 -19.68
N VAL B 195 10.08 12.31 -19.32
CA VAL B 195 8.80 12.72 -18.83
C VAL B 195 8.44 14.04 -19.52
N ARG B 196 7.16 14.17 -19.82
CA ARG B 196 6.62 15.40 -20.35
C ARG B 196 5.30 15.72 -19.67
N ILE B 197 5.16 16.97 -19.25
CA ILE B 197 3.92 17.40 -18.65
C ILE B 197 3.48 18.64 -19.40
N VAL B 198 2.23 18.63 -19.79
CA VAL B 198 1.63 19.78 -20.49
C VAL B 198 0.58 20.38 -19.56
N PHE B 199 0.60 21.71 -19.42
CA PHE B 199 -0.32 22.41 -18.53
C PHE B 199 -0.90 23.58 -19.30
N VAL B 200 -2.22 23.77 -19.22
CA VAL B 200 -2.86 24.92 -19.86
C VAL B 200 -3.63 25.73 -18.84
N ASN B 201 -3.40 27.05 -18.88
CA ASN B 201 -4.29 27.99 -18.26
C ASN B 201 -5.04 28.76 -19.35
N ALA B 202 -6.37 28.69 -19.30
CA ALA B 202 -7.22 29.40 -20.24
C ALA B 202 -7.52 30.84 -19.81
N LEU B 203 -7.60 31.10 -18.50
CA LEU B 203 -7.90 32.45 -17.97
C LEU B 203 -7.73 32.42 -16.47
N GLU B 204 -7.44 33.58 -15.90
CA GLU B 204 -7.42 33.81 -14.48
C GLU B 204 -6.41 32.90 -13.80
N ARG B 205 -6.84 32.14 -12.79
CA ARG B 205 -5.89 31.39 -11.97
C ARG B 205 -5.20 30.29 -12.77
N ALA B 206 -3.88 30.21 -12.62
CA ALA B 206 -3.07 29.12 -13.12
C ALA B 206 -2.59 28.31 -11.94
N ARG B 207 -3.09 27.10 -11.80
CA ARG B 207 -2.69 26.25 -10.68
C ARG B 207 -2.13 24.95 -11.24
N PHE B 208 -0.87 24.72 -10.94
CA PHE B 208 -0.16 23.54 -11.35
C PHE B 208 0.51 22.95 -10.12
N ASP B 209 0.02 21.79 -9.70
CA ASP B 209 0.48 21.09 -8.50
C ASP B 209 0.88 19.68 -8.91
N PHE B 210 2.16 19.41 -8.82
CA PHE B 210 2.77 18.24 -9.38
C PHE B 210 3.78 17.71 -8.36
N LYS B 211 3.52 16.49 -7.87
CA LYS B 211 4.27 15.92 -6.76
C LYS B 211 4.79 14.54 -7.11
N LEU B 212 5.92 14.23 -6.51
CA LEU B 212 6.60 12.99 -6.67
C LEU B 212 6.61 12.26 -5.34
N THR B 213 6.20 10.99 -5.36
CA THR B 213 6.36 10.15 -4.19
C THR B 213 7.39 9.09 -4.54
N ILE B 214 8.43 8.98 -3.75
CA ILE B 214 9.56 8.12 -4.05
C ILE B 214 9.42 6.82 -3.27
N PRO B 215 10.27 5.80 -3.55
CA PRO B 215 10.05 4.51 -2.88
C PRO B 215 10.10 4.53 -1.36
N SER B 216 10.82 5.48 -0.78
CA SER B 216 10.83 5.64 0.68
C SER B 216 9.48 6.05 1.27
N GLY B 217 8.59 6.61 0.45
CA GLY B 217 7.31 7.14 0.92
C GLY B 217 7.30 8.64 0.97
N ALA B 218 8.49 9.26 0.89
CA ALA B 218 8.54 10.72 0.93
C ALA B 218 7.80 11.33 -0.26
N VAL B 219 7.09 12.41 0.00
CA VAL B 219 6.38 13.15 -1.01
C VAL B 219 7.11 14.46 -1.24
N LEU B 220 7.49 14.71 -2.48
CA LEU B 220 8.32 15.84 -2.83
C LEU B 220 7.62 16.79 -3.84
N ASP B 221 7.77 18.08 -3.62
CA ASP B 221 7.41 19.08 -4.65
CA ASP B 221 7.43 19.18 -4.54
C ASP B 221 8.65 19.61 -5.36
N ASP B 222 9.83 19.15 -4.92
CA ASP B 222 11.11 19.55 -5.42
C ASP B 222 11.74 18.32 -6.09
N PHE B 223 12.02 18.47 -7.38
CA PHE B 223 12.53 17.39 -8.20
C PHE B 223 14.06 17.46 -8.41
N GLN B 224 14.73 18.34 -7.70
CA GLN B 224 16.17 18.39 -7.75
C GLN B 224 16.74 17.02 -7.33
N ASN B 225 17.68 16.55 -8.12
CA ASN B 225 18.26 15.23 -7.97
C ASN B 225 17.40 14.08 -8.45
N TYR B 226 16.30 14.40 -9.09
CA TYR B 226 15.55 13.42 -9.87
C TYR B 226 15.34 13.80 -11.34
N ILE B 227 15.20 15.09 -11.63
CA ILE B 227 14.88 15.55 -12.97
C ILE B 227 16.11 16.24 -13.61
N TYR B 228 16.41 15.83 -14.82
CA TYR B 228 17.61 16.24 -15.52
C TYR B 228 17.36 16.57 -16.96
N GLN B 229 18.28 17.39 -17.49
CA GLN B 229 18.54 17.49 -18.89
C GLN B 229 19.92 16.93 -19.16
N PHE B 230 20.13 16.57 -20.41
CA PHE B 230 21.42 16.21 -20.89
C PHE B 230 21.86 17.33 -21.81
N GLY B 231 22.91 18.02 -21.41
CA GLY B 231 23.45 19.13 -22.17
C GLY B 231 23.90 18.64 -23.54
N ASP B 232 23.75 19.52 -24.51
CA ASP B 232 24.26 19.27 -25.84
C ASP B 232 25.76 19.13 -25.84
N LEU B 233 26.24 18.41 -26.82
CA LEU B 233 27.68 18.23 -27.02
C LEU B 233 27.96 18.15 -28.52
N ASP B 234 29.21 18.37 -28.88
CA ASP B 234 29.65 18.26 -30.26
C ASP B 234 29.58 16.79 -30.67
N GLU B 235 28.66 16.47 -31.56
CA GLU B 235 28.36 15.09 -31.93
C GLU B 235 29.41 14.51 -32.86
N ASN B 236 30.33 15.34 -33.37
CA ASN B 236 31.51 14.80 -34.05
C ASN B 236 32.32 13.92 -33.07
N SER B 237 31.98 13.98 -31.77
CA SER B 237 32.63 13.11 -30.76
CA SER B 237 32.59 13.18 -30.68
C SER B 237 31.80 11.89 -30.36
N CYS B 238 30.85 11.51 -31.23
CA CYS B 238 30.03 10.30 -31.14
C CYS B 238 30.27 9.33 -32.30
N HIS B 239 29.96 8.05 -32.07
CA HIS B 239 29.81 7.08 -33.16
C HIS B 239 28.40 7.20 -33.71
N GLU B 240 28.24 6.94 -35.00
CA GLU B 240 26.96 7.00 -35.69
C GLU B 240 26.61 5.69 -36.36
N ALA C 33 -16.98 -30.78 19.28
CA ALA C 33 -17.85 -29.97 18.37
C ALA C 33 -17.31 -28.55 18.13
N TYR C 34 -17.05 -28.22 16.87
CA TYR C 34 -16.58 -26.87 16.50
C TYR C 34 -17.72 -26.03 15.87
N GLY C 35 -18.94 -26.54 16.00
CA GLY C 35 -20.13 -25.79 15.60
C GLY C 35 -21.38 -26.45 16.16
N CYS C 36 -22.50 -25.73 16.06
CA CYS C 36 -23.81 -26.22 16.52
C CYS C 36 -24.88 -25.85 15.49
N ASP C 37 -25.91 -26.65 15.43
CA ASP C 37 -27.09 -26.34 14.63
C ASP C 37 -27.75 -25.03 15.05
N ILE C 38 -27.94 -24.90 16.35
CA ILE C 38 -28.65 -23.78 16.95
C ILE C 38 -27.64 -22.76 17.56
N THR C 39 -27.55 -21.60 16.93
CA THR C 39 -26.62 -20.54 17.35
C THR C 39 -27.37 -19.22 17.54
N THR C 40 -28.64 -19.32 17.92
CA THR C 40 -29.55 -18.16 17.97
C THR C 40 -29.18 -17.12 19.04
N ASN C 41 -28.28 -17.47 19.96
CA ASN C 41 -27.73 -16.53 20.95
C ASN C 41 -26.50 -15.72 20.46
N ALA C 42 -26.06 -15.97 19.23
CA ALA C 42 -24.97 -15.19 18.66
C ALA C 42 -25.44 -13.80 18.25
N VAL C 43 -24.70 -12.78 18.71
CA VAL C 43 -24.97 -11.37 18.39
C VAL C 43 -23.70 -10.77 17.78
N ASP C 44 -23.83 -9.62 17.11
CA ASP C 44 -22.76 -8.99 16.29
C ASP C 44 -21.94 -7.98 17.06
N GLY C 45 -20.67 -7.85 16.66
CA GLY C 45 -19.80 -6.80 17.20
C GLY C 45 -18.83 -7.25 18.26
N PHE C 46 -17.74 -6.48 18.36
CA PHE C 46 -16.85 -6.62 19.49
C PHE C 46 -17.53 -6.15 20.74
N ASP C 47 -17.12 -6.74 21.85
CA ASP C 47 -17.34 -6.17 23.15
C ASP C 47 -16.09 -5.39 23.56
N ALA C 48 -16.28 -4.12 23.91
CA ALA C 48 -15.24 -3.22 24.35
C ALA C 48 -15.32 -3.05 25.86
N THR C 49 -14.18 -3.17 26.51
CA THR C 49 -14.07 -2.76 27.90
C THR C 49 -12.98 -1.73 27.98
N ILE C 50 -13.28 -0.60 28.60
CA ILE C 50 -12.33 0.49 28.78
C ILE C 50 -11.96 0.54 30.25
N TYR C 51 -10.64 0.49 30.48
CA TYR C 51 -10.08 0.50 31.83
C TYR C 51 -9.28 1.75 32.08
N GLN C 52 -9.15 2.06 33.37
CA GLN C 52 -8.28 3.10 33.83
C GLN C 52 -6.82 2.82 33.50
N TYR C 53 -6.12 3.89 33.13
CA TYR C 53 -4.67 3.83 32.89
C TYR C 53 -4.05 5.15 33.32
N ASN C 54 -2.89 5.10 33.99
CA ASN C 54 -2.28 6.33 34.51
C ASN C 54 -1.76 7.20 33.38
N ALA C 55 -2.22 8.44 33.32
CA ALA C 55 -1.71 9.37 32.31
C ALA C 55 -0.18 9.44 32.36
N ASN C 56 0.44 9.45 31.19
CA ASN C 56 1.88 9.62 31.03
CA ASN C 56 1.88 9.60 30.98
C ASN C 56 2.73 8.42 31.44
N ASP C 57 2.08 7.29 31.72
CA ASP C 57 2.81 6.07 32.04
C ASP C 57 3.30 5.44 30.74
N LEU C 58 4.56 5.66 30.44
CA LEU C 58 5.17 5.12 29.24
C LEU C 58 5.96 3.84 29.50
N ARG C 59 5.77 3.26 30.67
CA ARG C 59 6.46 2.02 31.04
C ARG C 59 5.54 0.83 30.77
N LEU C 60 4.28 0.87 31.23
CA LEU C 60 3.42 -0.29 31.14
C LEU C 60 2.97 -0.59 29.70
N ILE C 61 2.97 0.41 28.83
CA ILE C 61 2.66 0.21 27.40
C ILE C 61 3.64 -0.74 26.70
N ARG C 62 4.84 -0.88 27.27
CA ARG C 62 5.85 -1.75 26.68
CA ARG C 62 5.95 -1.70 26.81
C ARG C 62 6.13 -2.96 27.62
N ASP C 63 5.21 -3.21 28.56
CA ASP C 63 5.31 -4.33 29.48
C ASP C 63 4.38 -5.42 28.96
N PRO C 64 4.96 -6.53 28.46
CA PRO C 64 4.08 -7.49 27.79
C PRO C 64 3.14 -8.20 28.75
N THR C 65 3.53 -8.35 30.02
CA THR C 65 2.62 -8.93 31.01
C THR C 65 1.44 -8.00 31.26
N PHE C 66 1.70 -6.70 31.32
CA PHE C 66 0.61 -5.76 31.51
C PHE C 66 -0.37 -5.81 30.32
N MET C 67 0.20 -5.80 29.12
CA MET C 67 -0.61 -5.77 27.90
C MET C 67 -1.40 -7.06 27.67
N SER C 68 -0.89 -8.18 28.19
CA SER C 68 -1.52 -9.47 28.01
CA SER C 68 -1.53 -9.48 28.01
C SER C 68 -2.52 -9.82 29.14
N THR C 69 -2.19 -9.49 30.39
CA THR C 69 -3.05 -9.84 31.55
C THR C 69 -3.20 -8.77 32.63
N GLY C 70 -2.15 -7.98 32.84
CA GLY C 70 -2.12 -7.01 33.95
C GLY C 70 -3.21 -5.97 33.90
N TYR C 71 -3.57 -5.53 32.70
CA TYR C 71 -4.62 -4.49 32.56
C TYR C 71 -5.95 -4.91 33.15
N LEU C 72 -6.18 -6.23 33.19
CA LEU C 72 -7.44 -6.79 33.69
C LEU C 72 -7.71 -6.45 35.14
N GLY C 73 -6.68 -6.06 35.88
CA GLY C 73 -6.86 -5.68 37.28
C GLY C 73 -7.23 -4.22 37.50
N ARG C 74 -7.33 -3.42 36.43
CA ARG C 74 -7.61 -1.99 36.58
CA ARG C 74 -7.61 -1.99 36.57
C ARG C 74 -9.11 -1.73 36.64
N ASN C 75 -9.47 -0.55 37.15
CA ASN C 75 -10.88 -0.17 37.23
C ASN C 75 -11.49 -0.05 35.86
N VAL C 76 -12.70 -0.56 35.73
CA VAL C 76 -13.42 -0.48 34.50
C VAL C 76 -14.09 0.87 34.43
N LEU C 77 -13.89 1.58 33.30
CA LEU C 77 -14.53 2.87 33.04
C LEU C 77 -15.75 2.78 32.16
N ASN C 78 -15.75 1.85 31.20
CA ASN C 78 -16.85 1.68 30.28
C ASN C 78 -16.93 0.26 29.79
N LYS C 79 -18.15 -0.15 29.52
CA LYS C 79 -18.44 -1.38 28.83
C LYS C 79 -19.34 -0.99 27.68
N ILE C 80 -18.92 -1.35 26.47
CA ILE C 80 -19.60 -0.99 25.26
C ILE C 80 -19.70 -2.24 24.38
N SER C 81 -20.91 -2.63 24.01
CA SER C 81 -21.12 -3.79 23.15
C SER C 81 -21.53 -3.36 21.75
N GLY C 82 -21.55 -4.31 20.81
CA GLY C 82 -22.02 -4.04 19.47
C GLY C 82 -21.08 -3.16 18.64
N VAL C 83 -19.78 -3.20 18.95
CA VAL C 83 -18.83 -2.35 18.27
C VAL C 83 -18.45 -3.01 16.95
N THR C 84 -18.79 -2.29 15.90
CA THR C 84 -18.64 -2.81 14.57
C THR C 84 -17.48 -2.19 13.83
N VAL C 85 -17.19 -0.91 14.10
CA VAL C 85 -16.06 -0.23 13.51
C VAL C 85 -15.05 0.07 14.65
N PRO C 86 -14.03 -0.78 14.83
CA PRO C 86 -13.23 -0.65 16.05
C PRO C 86 -12.14 0.42 15.98
N GLY C 87 -11.69 0.76 14.78
CA GLY C 87 -10.61 1.72 14.64
C GLY C 87 -11.03 3.17 14.92
N PHE C 88 -10.13 3.96 15.47
CA PHE C 88 -10.35 5.37 15.72
C PHE C 88 -9.01 6.06 15.76
N ASN C 89 -9.05 7.37 15.68
CA ASN C 89 -7.84 8.16 15.78
C ASN C 89 -8.28 9.48 16.39
N ILE C 90 -8.01 9.65 17.67
CA ILE C 90 -8.57 10.75 18.42
C ILE C 90 -7.49 11.56 19.10
N TRP C 91 -7.55 12.88 18.92
CA TRP C 91 -6.71 13.79 19.67
C TRP C 91 -7.44 15.12 19.75
N ASN C 92 -7.82 15.50 20.95
CA ASN C 92 -8.35 16.83 21.21
C ASN C 92 -7.37 17.56 22.12
N PRO C 93 -6.62 18.54 21.58
CA PRO C 93 -5.65 19.27 22.41
C PRO C 93 -6.28 20.06 23.57
N SER C 94 -7.60 20.21 23.57
CA SER C 94 -8.31 20.93 24.61
C SER C 94 -9.17 20.05 25.53
N SER C 95 -9.17 18.74 25.36
CA SER C 95 -9.97 17.86 26.21
C SER C 95 -9.34 16.46 26.31
N ARG C 96 -9.41 15.88 27.50
CA ARG C 96 -8.99 14.51 27.70
C ARG C 96 -10.10 13.48 27.50
N THR C 97 -11.28 13.93 27.11
CA THR C 97 -12.35 13.02 26.77
C THR C 97 -12.83 13.23 25.34
N ALA C 98 -13.54 12.23 24.84
CA ALA C 98 -14.10 12.27 23.52
C ALA C 98 -15.13 11.19 23.35
N THR C 99 -15.88 11.29 22.27
CA THR C 99 -16.86 10.27 21.90
C THR C 99 -16.14 9.09 21.29
N VAL C 100 -16.31 7.92 21.87
CA VAL C 100 -15.68 6.70 21.39
C VAL C 100 -16.79 5.65 21.28
N TYR C 101 -16.91 5.05 20.09
CA TYR C 101 -17.91 4.01 19.84
C TYR C 101 -19.31 4.47 20.20
N GLY C 102 -19.59 5.74 19.93
CA GLY C 102 -20.91 6.31 20.20
C GLY C 102 -21.16 6.77 21.61
N VAL C 103 -20.18 6.61 22.49
CA VAL C 103 -20.34 6.89 23.89
C VAL C 103 -19.61 8.20 24.18
N LYS C 104 -20.34 9.15 24.72
CA LYS C 104 -19.74 10.46 25.00
C LYS C 104 -18.81 10.40 26.19
N ASN C 105 -17.85 11.32 26.22
CA ASN C 105 -17.03 11.58 27.41
C ASN C 105 -16.18 10.41 27.86
N VAL C 106 -15.74 9.61 26.89
CA VAL C 106 -14.82 8.52 27.17
C VAL C 106 -13.43 9.12 27.37
N ASN C 107 -12.73 8.67 28.39
CA ASN C 107 -11.41 9.20 28.72
C ASN C 107 -10.31 8.64 27.81
N TYR C 108 -10.37 9.03 26.53
CA TYR C 108 -9.47 8.51 25.48
C TYR C 108 -7.98 8.84 25.74
N TYR C 109 -7.72 9.95 26.45
CA TYR C 109 -6.38 10.48 26.65
C TYR C 109 -5.47 9.49 27.39
N ASN C 110 -6.07 8.71 28.28
CA ASN C 110 -5.33 7.74 29.06
C ASN C 110 -6.27 6.64 29.43
N MET C 111 -6.07 5.48 28.79
CA MET C 111 -7.01 4.37 28.95
C MET C 111 -6.42 3.10 28.40
N VAL C 112 -6.99 1.98 28.85
CA VAL C 112 -6.76 0.69 28.19
C VAL C 112 -8.10 0.29 27.57
N LEU C 113 -8.05 -0.13 26.31
CA LEU C 113 -9.19 -0.62 25.62
C LEU C 113 -8.95 -2.08 25.31
N GLU C 114 -9.91 -2.91 25.68
CA GLU C 114 -9.91 -4.31 25.32
C GLU C 114 -11.11 -4.54 24.41
N LEU C 115 -10.82 -5.10 23.25
CA LEU C 115 -11.83 -5.57 22.35
C LEU C 115 -11.77 -7.09 22.30
N LYS C 116 -12.90 -7.74 22.46
CA LYS C 116 -12.98 -9.20 22.32
C LYS C 116 -14.19 -9.64 21.52
N GLY C 117 -14.04 -10.79 20.89
CA GLY C 117 -15.15 -11.42 20.23
C GLY C 117 -14.68 -12.69 19.59
N TYR C 118 -15.55 -13.27 18.76
CA TYR C 118 -15.23 -14.48 18.00
C TYR C 118 -15.34 -14.10 16.53
N PHE C 119 -14.25 -14.26 15.83
CA PHE C 119 -14.22 -14.00 14.41
C PHE C 119 -14.82 -15.18 13.68
N LYS C 120 -15.70 -14.90 12.73
CA LYS C 120 -16.24 -15.91 11.84
C LYS C 120 -16.55 -15.32 10.50
N ALA C 121 -16.17 -16.05 9.45
CA ALA C 121 -16.66 -15.80 8.13
C ALA C 121 -17.35 -17.02 7.59
N ASP C 122 -18.25 -16.76 6.67
CA ASP C 122 -18.91 -17.83 5.94
C ASP C 122 -18.21 -18.16 4.65
N VAL C 123 -17.18 -17.41 4.26
CA VAL C 123 -16.36 -17.71 3.11
C VAL C 123 -14.98 -18.13 3.59
N SER C 124 -14.63 -19.41 3.38
CA SER C 124 -13.28 -19.90 3.68
C SER C 124 -12.25 -19.13 2.89
N GLY C 125 -11.10 -18.89 3.52
CA GLY C 125 -10.01 -18.24 2.83
C GLY C 125 -9.06 -17.49 3.75
N ASP C 126 -8.12 -16.80 3.12
CA ASP C 126 -7.14 -15.99 3.85
C ASP C 126 -7.74 -14.67 4.28
N TYR C 127 -7.70 -14.44 5.58
CA TYR C 127 -8.10 -13.17 6.18
C TYR C 127 -6.89 -12.54 6.84
N LYS C 128 -6.75 -11.23 6.69
CA LYS C 128 -5.63 -10.48 7.28
C LYS C 128 -6.15 -9.43 8.26
N LEU C 129 -5.53 -9.36 9.43
CA LEU C 129 -5.80 -8.33 10.41
C LEU C 129 -4.58 -7.45 10.49
N THR C 130 -4.79 -6.14 10.39
CA THR C 130 -3.67 -5.20 10.34
C THR C 130 -3.85 -4.09 11.35
N LEU C 131 -2.79 -3.86 12.13
CA LEU C 131 -2.67 -2.74 13.07
C LEU C 131 -1.67 -1.79 12.50
N SER C 132 -2.05 -0.51 12.40
CA SER C 132 -1.20 0.50 11.77
C SER C 132 -0.98 1.75 12.65
N HIS C 133 0.27 2.18 12.76
CA HIS C 133 0.64 3.46 13.38
C HIS C 133 0.03 3.65 14.77
N ILE C 134 0.07 2.59 15.56
CA ILE C 134 -0.60 2.57 16.83
C ILE C 134 0.06 3.55 17.78
N ASP C 135 -0.77 4.37 18.42
CA ASP C 135 -0.32 5.29 19.46
C ASP C 135 -1.27 5.07 20.66
N ASP C 136 -0.84 4.47 21.76
CA ASP C 136 0.57 4.16 22.11
C ASP C 136 1.01 2.72 21.90
N SER C 137 0.15 1.76 22.18
N SER C 137 0.15 1.76 22.17
CA SER C 137 0.53 0.36 22.01
CA SER C 137 0.54 0.36 22.07
C SER C 137 -0.67 -0.54 21.86
C SER C 137 -0.66 -0.54 21.89
N SER C 138 -0.44 -1.68 21.23
CA SER C 138 -1.51 -2.65 21.07
C SER C 138 -0.90 -4.05 20.98
N MET C 139 -1.61 -4.99 21.60
CA MET C 139 -1.27 -6.40 21.51
C MET C 139 -2.53 -7.14 21.02
N LEU C 140 -2.37 -8.02 20.04
CA LEU C 140 -3.45 -8.70 19.40
C LEU C 140 -3.21 -10.21 19.56
N PHE C 141 -4.28 -10.91 19.89
CA PHE C 141 -4.28 -12.35 20.09
C PHE C 141 -5.34 -12.94 19.21
N PHE C 142 -5.00 -14.02 18.53
CA PHE C 142 -5.96 -14.71 17.69
C PHE C 142 -5.80 -16.20 17.99
N GLY C 143 -6.90 -16.84 18.32
CA GLY C 143 -6.90 -18.25 18.72
C GLY C 143 -7.37 -19.16 17.63
N LYS C 144 -7.11 -20.46 17.82
CA LYS C 144 -7.63 -21.45 16.90
C LYS C 144 -9.13 -21.54 17.14
N GLU C 145 -9.78 -22.29 16.28
CA GLU C 145 -11.24 -22.41 16.37
C GLU C 145 -11.67 -22.85 17.79
N THR C 146 -12.71 -22.22 18.30
CA THR C 146 -13.26 -22.62 19.59
C THR C 146 -14.16 -23.83 19.43
N ALA C 147 -14.14 -24.70 20.42
CA ALA C 147 -15.12 -25.77 20.52
C ALA C 147 -16.38 -25.22 21.17
N PHE C 148 -17.47 -25.96 21.02
CA PHE C 148 -18.75 -25.54 21.57
C PHE C 148 -19.41 -26.66 22.36
N LYS C 149 -20.19 -26.25 23.35
CA LYS C 149 -21.25 -27.07 23.90
C LYS C 149 -22.55 -26.58 23.25
N CYS C 150 -23.25 -27.51 22.61
CA CYS C 150 -24.48 -27.19 21.86
C CYS C 150 -25.73 -27.48 22.69
N CYS C 151 -26.55 -26.45 22.90
CA CYS C 151 -27.77 -26.56 23.71
C CYS C 151 -29.01 -26.20 22.88
N ASP C 152 -30.20 -26.51 23.42
CA ASP C 152 -31.46 -26.22 22.74
C ASP C 152 -31.62 -24.73 22.43
N ALA C 153 -31.23 -23.90 23.40
CA ALA C 153 -31.42 -22.45 23.32
C ALA C 153 -30.28 -21.73 22.58
N GLY C 154 -29.20 -22.46 22.26
CA GLY C 154 -28.02 -21.84 21.65
C GLY C 154 -26.71 -22.55 21.94
N SER C 155 -25.59 -21.92 21.55
CA SER C 155 -24.26 -22.52 21.69
C SER C 155 -23.41 -21.83 22.75
N ILE C 156 -22.56 -22.61 23.40
CA ILE C 156 -21.65 -22.08 24.41
C ILE C 156 -20.21 -22.32 23.96
N PRO C 157 -19.47 -21.23 23.65
CA PRO C 157 -18.08 -21.43 23.27
C PRO C 157 -17.30 -21.88 24.49
N LEU C 158 -16.47 -22.90 24.32
CA LEU C 158 -15.72 -23.44 25.44
C LEU C 158 -14.43 -22.66 25.62
N ASN C 159 -14.09 -21.80 24.64
CA ASN C 159 -13.20 -20.65 24.83
C ASN C 159 -12.00 -20.89 25.75
N GLU C 160 -11.35 -22.03 25.52
CA GLU C 160 -10.02 -22.29 26.03
C GLU C 160 -9.15 -22.71 24.83
N ALA C 161 -9.24 -21.87 23.80
CA ALA C 161 -8.61 -22.16 22.50
C ALA C 161 -7.14 -21.73 22.53
N PRO C 162 -6.22 -22.63 22.11
CA PRO C 162 -4.79 -22.25 22.06
C PRO C 162 -4.58 -21.08 21.10
N THR C 163 -3.65 -20.21 21.44
CA THR C 163 -3.33 -19.08 20.59
C THR C 163 -2.65 -19.53 19.31
N ASP C 164 -3.13 -19.01 18.18
CA ASP C 164 -2.47 -19.21 16.88
C ASP C 164 -1.31 -18.25 16.72
N TYR C 165 -1.53 -16.98 17.04
CA TYR C 165 -0.48 -15.98 16.92
C TYR C 165 -0.80 -14.77 17.76
N SER C 166 0.22 -13.94 17.95
CA SER C 166 0.01 -12.64 18.61
CA SER C 166 0.08 -12.67 18.64
C SER C 166 0.95 -11.61 17.98
N LEU C 167 0.49 -10.35 18.02
CA LEU C 167 1.17 -9.20 17.48
C LEU C 167 1.33 -8.17 18.61
N PHE C 168 2.40 -7.42 18.62
CA PHE C 168 2.63 -6.39 19.65
C PHE C 168 3.34 -5.22 18.96
N THR C 169 2.76 -4.03 19.05
CA THR C 169 3.32 -2.84 18.46
C THR C 169 3.27 -1.69 19.46
N ILE C 170 4.37 -0.94 19.54
CA ILE C 170 4.54 0.17 20.50
C ILE C 170 5.11 1.38 19.77
N LYS C 171 4.49 2.53 20.01
CA LYS C 171 4.97 3.80 19.51
C LYS C 171 6.20 4.27 20.28
N PRO C 172 7.28 4.58 19.57
CA PRO C 172 8.43 5.18 20.25
C PRO C 172 8.08 6.60 20.72
N SER C 173 8.63 7.00 21.86
CA SER C 173 8.33 8.32 22.43
C SER C 173 8.58 9.46 21.45
N ASN C 174 9.61 9.32 20.62
CA ASN C 174 10.09 10.44 19.81
C ASN C 174 9.60 10.53 18.36
N GLN C 175 8.68 9.66 17.94
CA GLN C 175 8.20 9.75 16.56
C GLN C 175 6.85 9.06 16.42
N VAL C 176 6.19 9.36 15.31
CA VAL C 176 4.98 8.64 14.92
CA VAL C 176 4.98 8.65 14.90
C VAL C 176 5.37 7.17 14.78
N ASN C 177 4.48 6.29 15.16
CA ASN C 177 4.76 4.87 15.04
C ASN C 177 4.62 4.54 13.57
N SER C 178 5.72 4.16 12.93
CA SER C 178 5.68 3.82 11.49
C SER C 178 5.27 2.39 11.25
N GLU C 179 5.07 1.66 12.33
CA GLU C 179 4.82 0.26 12.17
C GLU C 179 3.45 -0.07 11.63
N VAL C 180 3.45 -1.05 10.71
CA VAL C 180 2.24 -1.68 10.21
C VAL C 180 2.48 -3.16 10.39
N ILE C 181 1.65 -3.77 11.23
CA ILE C 181 1.86 -5.15 11.65
C ILE C 181 0.62 -5.94 11.26
N SER C 182 0.81 -7.10 10.62
CA SER C 182 -0.31 -7.87 10.09
CA SER C 182 -0.36 -7.86 10.17
C SER C 182 -0.17 -9.36 10.34
N ALA C 183 -1.32 -10.03 10.37
CA ALA C 183 -1.38 -11.48 10.45
C ALA C 183 -2.43 -11.93 9.46
N THR C 184 -2.01 -12.81 8.56
CA THR C 184 -2.87 -13.49 7.59
C THR C 184 -2.95 -14.94 7.95
N GLN C 185 -4.15 -15.52 7.90
CA GLN C 185 -4.32 -16.90 8.19
C GLN C 185 -5.50 -17.40 7.38
N TYR C 186 -5.50 -18.67 7.08
CA TYR C 186 -6.59 -19.31 6.39
C TYR C 186 -7.64 -19.68 7.41
N LEU C 187 -8.84 -19.12 7.23
CA LEU C 187 -9.93 -19.42 8.14
C LEU C 187 -11.02 -20.23 7.41
N GLU C 188 -11.63 -21.12 8.18
CA GLU C 188 -12.61 -22.04 7.65
CA GLU C 188 -12.64 -22.04 7.69
C GLU C 188 -14.04 -21.48 7.87
N ALA C 189 -14.83 -21.57 6.82
CA ALA C 189 -16.22 -21.12 6.88
C ALA C 189 -16.92 -21.69 8.08
N GLY C 190 -17.59 -20.80 8.79
CA GLY C 190 -18.49 -21.18 9.86
C GLY C 190 -17.82 -21.47 11.17
N LYS C 191 -16.49 -21.39 11.23
CA LYS C 191 -15.78 -21.60 12.49
CA LYS C 191 -15.78 -21.58 12.48
C LYS C 191 -15.56 -20.26 13.19
N TYR C 192 -15.50 -20.34 14.51
CA TYR C 192 -15.43 -19.17 15.35
C TYR C 192 -14.06 -19.18 16.03
N TYR C 193 -13.36 -18.07 15.90
CA TYR C 193 -11.99 -17.94 16.37
C TYR C 193 -11.91 -16.81 17.35
N PRO C 194 -11.57 -17.09 18.62
CA PRO C 194 -11.53 -15.98 19.57
C PRO C 194 -10.44 -14.99 19.21
N VAL C 195 -10.76 -13.71 19.34
CA VAL C 195 -9.83 -12.64 19.02
C VAL C 195 -9.92 -11.62 20.13
N ARG C 196 -8.75 -11.11 20.51
CA ARG C 196 -8.67 -10.15 21.55
C ARG C 196 -7.64 -9.13 21.17
N ILE C 197 -8.03 -7.86 21.28
CA ILE C 197 -7.10 -6.78 21.00
C ILE C 197 -7.07 -5.89 22.20
N VAL C 198 -5.87 -5.59 22.66
CA VAL C 198 -5.65 -4.69 23.78
C VAL C 198 -4.95 -3.46 23.20
N PHE C 199 -5.47 -2.28 23.53
CA PHE C 199 -4.91 -1.01 23.05
C PHE C 199 -4.73 -0.08 24.25
N VAL C 200 -3.56 0.55 24.35
CA VAL C 200 -3.34 1.53 25.40
C VAL C 200 -3.00 2.88 24.79
N ASN C 201 -3.66 3.90 25.32
CA ASN C 201 -3.21 5.28 25.16
C ASN C 201 -2.68 5.80 26.51
N ALA C 202 -1.43 6.20 26.53
CA ALA C 202 -0.79 6.74 27.75
C ALA C 202 -1.06 8.24 27.91
N LEU C 203 -1.19 8.97 26.80
CA LEU C 203 -1.44 10.39 26.81
C LEU C 203 -1.69 10.87 25.40
N GLU C 204 -2.40 11.98 25.30
CA GLU C 204 -2.62 12.70 24.06
C GLU C 204 -3.31 11.81 23.00
N ARG C 205 -2.73 11.70 21.81
CA ARG C 205 -3.41 11.05 20.71
C ARG C 205 -3.60 9.56 21.00
N ALA C 206 -4.80 9.08 20.70
CA ALA C 206 -5.10 7.65 20.70
C ALA C 206 -5.32 7.25 19.25
N ARG C 207 -4.35 6.55 18.66
CA ARG C 207 -4.47 6.14 17.28
C ARG C 207 -4.53 4.63 17.26
N PHE C 208 -5.70 4.13 16.92
CA PHE C 208 -5.96 2.71 16.89
C PHE C 208 -6.49 2.39 15.51
N ASP C 209 -5.60 2.04 14.60
CA ASP C 209 -5.97 1.80 13.19
C ASP C 209 -5.93 0.30 12.95
N PHE C 210 -7.10 -0.29 12.76
CA PHE C 210 -7.31 -1.73 12.79
C PHE C 210 -8.24 -2.06 11.63
N LYS C 211 -7.76 -2.86 10.69
CA LYS C 211 -8.48 -3.17 9.46
CA LYS C 211 -8.48 -3.17 9.46
C LYS C 211 -8.45 -4.65 9.14
N LEU C 212 -9.45 -5.07 8.38
CA LEU C 212 -9.62 -6.45 7.97
C LEU C 212 -9.52 -6.52 6.46
N THR C 213 -8.70 -7.44 5.97
CA THR C 213 -8.63 -7.68 4.53
C THR C 213 -9.19 -9.07 4.31
N ILE C 214 -10.18 -9.16 3.45
CA ILE C 214 -10.89 -10.42 3.22
C ILE C 214 -10.36 -11.09 1.98
N PRO C 215 -10.74 -12.37 1.76
CA PRO C 215 -10.14 -13.07 0.63
C PRO C 215 -10.26 -12.40 -0.75
N SER C 216 -11.31 -11.63 -0.96
CA SER C 216 -11.46 -10.86 -2.20
C SER C 216 -10.41 -9.79 -2.43
N GLY C 217 -9.73 -9.39 -1.37
CA GLY C 217 -8.78 -8.28 -1.43
C GLY C 217 -9.33 -6.99 -0.87
N ALA C 218 -10.63 -6.94 -0.60
CA ALA C 218 -11.25 -5.73 -0.06
C ALA C 218 -10.70 -5.50 1.35
N VAL C 219 -10.46 -4.24 1.67
CA VAL C 219 -9.95 -3.82 2.95
C VAL C 219 -11.04 -3.05 3.68
N LEU C 220 -11.48 -3.59 4.81
CA LEU C 220 -12.66 -3.15 5.49
C LEU C 220 -12.31 -2.54 6.86
N ASP C 221 -13.03 -1.46 7.17
CA ASP C 221 -12.99 -0.88 8.52
C ASP C 221 -14.10 -1.47 9.40
N ASP C 222 -15.17 -1.97 8.77
CA ASP C 222 -16.36 -2.46 9.48
C ASP C 222 -16.24 -3.98 9.63
N PHE C 223 -16.32 -4.45 10.88
CA PHE C 223 -16.17 -5.87 11.24
C PHE C 223 -17.49 -6.52 11.63
N GLN C 224 -18.60 -5.79 11.45
CA GLN C 224 -19.86 -6.22 12.05
C GLN C 224 -20.20 -7.70 11.92
N ASN C 225 -20.31 -8.16 10.69
CA ASN C 225 -20.69 -9.53 10.43
C ASN C 225 -19.56 -10.54 10.43
N TYR C 226 -18.38 -10.10 10.84
CA TYR C 226 -17.25 -10.97 11.04
C TYR C 226 -16.91 -11.19 12.50
N ILE C 227 -17.51 -10.41 13.41
CA ILE C 227 -17.27 -10.58 14.82
C ILE C 227 -18.59 -10.87 15.58
N TYR C 228 -18.55 -11.88 16.44
CA TYR C 228 -19.72 -12.38 17.16
C TYR C 228 -19.42 -12.56 18.63
N GLN C 229 -20.50 -12.49 19.41
CA GLN C 229 -20.55 -12.87 20.80
C GLN C 229 -21.58 -13.96 20.92
N PHE C 230 -21.48 -14.72 22.01
CA PHE C 230 -22.50 -15.67 22.37
C PHE C 230 -23.12 -15.27 23.69
N GLY C 231 -24.43 -14.96 23.65
CA GLY C 231 -25.17 -14.57 24.85
C GLY C 231 -25.29 -15.72 25.83
N ASP C 232 -25.46 -15.38 27.10
CA ASP C 232 -25.96 -16.36 28.10
C ASP C 232 -27.26 -16.95 27.58
N LEU C 233 -27.49 -18.23 27.81
CA LEU C 233 -28.74 -18.88 27.37
C LEU C 233 -29.83 -18.76 28.44
N THR D 32 -29.60 24.76 -14.60
CA THR D 32 -29.95 23.31 -14.65
C THR D 32 -30.23 22.64 -13.30
N ALA D 33 -30.89 21.49 -13.41
CA ALA D 33 -31.16 20.62 -12.27
C ALA D 33 -30.12 19.49 -12.22
N TYR D 34 -29.43 19.36 -11.09
CA TYR D 34 -28.45 18.28 -10.89
C TYR D 34 -29.03 17.15 -10.02
N GLY D 35 -30.34 17.20 -9.79
CA GLY D 35 -31.05 16.12 -9.12
C GLY D 35 -32.54 16.29 -9.30
N CYS D 36 -33.29 15.25 -8.93
CA CYS D 36 -34.76 15.24 -9.02
C CYS D 36 -35.34 14.60 -7.76
N ASP D 37 -36.56 14.99 -7.38
CA ASP D 37 -37.26 14.34 -6.27
C ASP D 37 -37.56 12.88 -6.60
N ILE D 38 -37.99 12.62 -7.83
CA ILE D 38 -38.36 11.28 -8.27
C ILE D 38 -37.27 10.63 -9.14
N THR D 39 -36.64 9.60 -8.58
CA THR D 39 -35.57 8.89 -9.26
C THR D 39 -35.86 7.39 -9.28
N THR D 40 -37.15 7.05 -9.36
CA THR D 40 -37.66 5.67 -9.31
C THR D 40 -37.15 4.71 -10.38
N ASN D 41 -36.69 5.29 -11.48
CA ASN D 41 -36.12 4.53 -12.59
C ASN D 41 -34.62 4.22 -12.44
N ALA D 42 -34.00 4.70 -11.35
CA ALA D 42 -32.59 4.40 -11.11
C ALA D 42 -32.47 2.97 -10.63
N VAL D 43 -31.55 2.24 -11.25
CA VAL D 43 -31.22 0.89 -10.84
C VAL D 43 -29.71 0.78 -10.68
N ASP D 44 -29.26 -0.28 -10.02
CA ASP D 44 -27.85 -0.47 -9.59
C ASP D 44 -26.99 -1.17 -10.65
N GLY D 45 -25.69 -0.88 -10.64
CA GLY D 45 -24.72 -1.59 -11.45
C GLY D 45 -24.24 -0.92 -12.72
N PHE D 46 -23.02 -1.28 -13.13
CA PHE D 46 -22.52 -0.91 -14.44
C PHE D 46 -23.32 -1.64 -15.52
N ASP D 47 -23.40 -1.01 -16.68
CA ASP D 47 -23.74 -1.67 -17.91
C ASP D 47 -22.47 -2.00 -18.68
N ALA D 48 -22.31 -3.27 -18.96
CA ALA D 48 -21.16 -3.79 -19.69
C ALA D 48 -21.53 -4.07 -21.14
N THR D 49 -20.66 -3.66 -22.05
CA THR D 49 -20.76 -4.07 -23.42
C THR D 49 -19.44 -4.69 -23.79
N ILE D 50 -19.51 -5.90 -24.35
CA ILE D 50 -18.31 -6.61 -24.80
C ILE D 50 -18.30 -6.62 -26.32
N TYR D 51 -17.18 -6.17 -26.86
CA TYR D 51 -16.97 -6.09 -28.30
C TYR D 51 -15.88 -7.00 -28.77
N GLN D 52 -15.98 -7.35 -30.05
CA GLN D 52 -14.95 -8.09 -30.72
C GLN D 52 -13.64 -7.34 -30.77
N TYR D 53 -12.56 -8.09 -30.58
CA TYR D 53 -11.21 -7.58 -30.69
C TYR D 53 -10.31 -8.68 -31.25
N ASN D 54 -9.45 -8.31 -32.20
CA ASN D 54 -8.62 -9.30 -32.89
C ASN D 54 -7.59 -9.87 -31.96
N ALA D 55 -7.59 -11.19 -31.79
CA ALA D 55 -6.57 -11.84 -30.97
C ALA D 55 -5.19 -11.42 -31.42
N ASN D 56 -4.33 -11.15 -30.44
CA ASN D 56 -2.91 -10.83 -30.68
C ASN D 56 -2.65 -9.45 -31.27
N ASP D 57 -3.67 -8.60 -31.34
CA ASP D 57 -3.49 -7.24 -31.83
C ASP D 57 -2.93 -6.41 -30.70
N LEU D 58 -1.63 -6.18 -30.75
CA LEU D 58 -0.96 -5.38 -29.73
C LEU D 58 -0.74 -3.95 -30.17
N ARG D 59 -1.41 -3.55 -31.25
CA ARG D 59 -1.33 -2.19 -31.75
C ARG D 59 -2.45 -1.33 -31.21
N LEU D 60 -3.69 -1.81 -31.34
CA LEU D 60 -4.84 -0.98 -31.02
C LEU D 60 -5.02 -0.73 -29.50
N ILE D 61 -4.42 -1.59 -28.68
CA ILE D 61 -4.41 -1.42 -27.22
C ILE D 61 -3.66 -0.16 -26.77
N ARG D 62 -2.77 0.33 -27.63
CA ARG D 62 -2.02 1.53 -27.34
C ARG D 62 -2.42 2.71 -28.22
N ASP D 63 -3.55 2.59 -28.92
CA ASP D 63 -4.06 3.63 -29.81
C ASP D 63 -5.13 4.39 -29.06
N PRO D 64 -4.86 5.66 -28.70
CA PRO D 64 -5.83 6.36 -27.84
C PRO D 64 -7.14 6.64 -28.50
N THR D 65 -7.16 6.82 -29.82
CA THR D 65 -8.42 6.99 -30.53
C THR D 65 -9.23 5.70 -30.48
N PHE D 66 -8.56 4.56 -30.66
CA PHE D 66 -9.28 3.29 -30.57
C PHE D 66 -9.87 3.09 -29.16
N MET D 67 -9.07 3.35 -28.15
CA MET D 67 -9.52 3.13 -26.76
C MET D 67 -10.61 4.08 -26.32
N SER D 68 -10.65 5.27 -26.91
N SER D 68 -10.63 5.28 -26.89
CA SER D 68 -11.64 6.29 -26.55
CA SER D 68 -11.61 6.29 -26.52
C SER D 68 -12.93 6.22 -27.35
C SER D 68 -12.91 6.24 -27.33
N THR D 69 -12.82 5.96 -28.65
CA THR D 69 -14.00 5.93 -29.54
C THR D 69 -14.03 4.82 -30.58
N GLY D 70 -12.87 4.42 -31.09
CA GLY D 70 -12.79 3.45 -32.17
C GLY D 70 -13.44 2.10 -31.86
N TYR D 71 -13.33 1.65 -30.61
CA TYR D 71 -13.87 0.33 -30.25
C TYR D 71 -15.37 0.25 -30.47
N LEU D 72 -16.04 1.39 -30.45
CA LEU D 72 -17.49 1.47 -30.59
C LEU D 72 -17.96 0.97 -31.96
N GLY D 73 -17.07 0.92 -32.94
CA GLY D 73 -17.41 0.41 -34.27
C GLY D 73 -17.33 -1.09 -34.41
N ARG D 74 -16.91 -1.81 -33.37
CA ARG D 74 -16.71 -3.27 -33.48
C ARG D 74 -18.00 -4.02 -33.19
N ASN D 75 -18.07 -5.28 -33.63
CA ASN D 75 -19.25 -6.09 -33.35
C ASN D 75 -19.43 -6.29 -31.86
N VAL D 76 -20.69 -6.21 -31.43
CA VAL D 76 -21.03 -6.44 -30.05
C VAL D 76 -21.17 -7.94 -29.82
N LEU D 77 -20.47 -8.45 -28.82
CA LEU D 77 -20.55 -9.86 -28.41
C LEU D 77 -21.50 -10.10 -27.24
N ASN D 78 -21.57 -9.16 -26.30
CA ASN D 78 -22.43 -9.27 -25.13
C ASN D 78 -22.87 -7.89 -24.65
N LYS D 79 -24.07 -7.88 -24.07
CA LYS D 79 -24.56 -6.76 -23.28
C LYS D 79 -25.01 -7.33 -21.95
N ILE D 80 -24.47 -6.76 -20.86
CA ILE D 80 -24.67 -7.28 -19.53
C ILE D 80 -24.96 -6.11 -18.61
N SER D 81 -26.10 -6.13 -17.91
CA SER D 81 -26.45 -5.08 -16.96
CA SER D 81 -26.47 -5.09 -16.96
C SER D 81 -26.32 -5.58 -15.52
N GLY D 82 -26.40 -4.66 -14.56
CA GLY D 82 -26.36 -5.03 -13.16
C GLY D 82 -25.00 -5.53 -12.66
N VAL D 83 -23.93 -5.07 -13.28
CA VAL D 83 -22.59 -5.49 -12.88
C VAL D 83 -22.13 -4.67 -11.69
N THR D 84 -21.92 -5.40 -10.60
CA THR D 84 -21.63 -4.78 -9.33
C THR D 84 -20.17 -4.93 -8.94
N VAL D 85 -19.52 -6.04 -9.33
CA VAL D 85 -18.13 -6.27 -9.10
C VAL D 85 -17.44 -6.27 -10.48
N PRO D 86 -16.92 -5.11 -10.91
CA PRO D 86 -16.40 -5.04 -12.28
C PRO D 86 -15.02 -5.65 -12.51
N GLY D 87 -14.18 -5.71 -11.49
CA GLY D 87 -12.81 -6.18 -11.63
C GLY D 87 -12.78 -7.69 -11.77
N PHE D 88 -11.79 -8.16 -12.52
CA PHE D 88 -11.54 -9.59 -12.65
C PHE D 88 -10.09 -9.79 -13.06
N ASN D 89 -9.62 -11.04 -12.98
CA ASN D 89 -8.32 -11.39 -13.42
C ASN D 89 -8.44 -12.83 -13.88
N ILE D 90 -8.51 -13.01 -15.19
CA ILE D 90 -8.90 -14.29 -15.77
C ILE D 90 -7.76 -14.76 -16.69
N TRP D 91 -7.33 -15.99 -16.48
CA TRP D 91 -6.46 -16.64 -17.44
C TRP D 91 -6.72 -18.14 -17.32
N ASN D 92 -7.29 -18.71 -18.38
CA ASN D 92 -7.48 -20.14 -18.44
C ASN D 92 -6.64 -20.65 -19.60
N PRO D 93 -5.54 -21.32 -19.29
CA PRO D 93 -4.67 -21.85 -20.39
C PRO D 93 -5.37 -22.87 -21.26
N SER D 94 -6.54 -23.35 -20.84
CA SER D 94 -7.26 -24.37 -21.60
C SER D 94 -8.52 -23.84 -22.28
N SER D 95 -8.82 -22.55 -22.15
CA SER D 95 -10.02 -22.00 -22.77
C SER D 95 -9.91 -20.50 -23.05
N ARG D 96 -10.38 -20.09 -24.21
CA ARG D 96 -10.43 -18.67 -24.54
C ARG D 96 -11.72 -18.00 -24.07
N THR D 97 -12.59 -18.76 -23.39
CA THR D 97 -13.81 -18.21 -22.83
C THR D 97 -13.90 -18.50 -21.33
N ALA D 98 -14.74 -17.72 -20.67
CA ALA D 98 -14.95 -17.85 -19.26
C ALA D 98 -16.23 -17.20 -18.88
N THR D 99 -16.67 -17.50 -17.67
CA THR D 99 -17.85 -16.85 -17.12
C THR D 99 -17.40 -15.45 -16.63
N VAL D 100 -18.04 -14.42 -17.15
CA VAL D 100 -17.71 -13.05 -16.79
C VAL D 100 -19.03 -12.39 -16.43
N TYR D 101 -19.08 -11.78 -15.25
CA TYR D 101 -20.25 -11.09 -14.76
C TYR D 101 -21.50 -11.99 -14.79
N GLY D 102 -21.31 -13.28 -14.52
CA GLY D 102 -22.41 -14.23 -14.51
C GLY D 102 -22.82 -14.84 -15.83
N VAL D 103 -22.19 -14.40 -16.91
CA VAL D 103 -22.54 -14.82 -18.24
C VAL D 103 -21.50 -15.82 -18.73
N LYS D 104 -21.99 -16.97 -19.17
CA LYS D 104 -21.08 -18.02 -19.62
C LYS D 104 -20.48 -17.71 -20.97
N ASN D 105 -19.33 -18.30 -21.22
CA ASN D 105 -18.73 -18.33 -22.55
C ASN D 105 -18.43 -16.95 -23.10
N VAL D 106 -18.09 -16.03 -22.20
CA VAL D 106 -17.60 -14.73 -22.64
C VAL D 106 -16.15 -14.86 -23.12
N ASN D 107 -15.87 -14.27 -24.28
CA ASN D 107 -14.58 -14.43 -24.93
C ASN D 107 -13.54 -13.48 -24.32
N TYR D 108 -13.18 -13.78 -23.05
CA TYR D 108 -12.24 -12.96 -22.28
C TYR D 108 -10.83 -12.85 -22.94
N TYR D 109 -10.42 -13.86 -23.69
CA TYR D 109 -9.07 -13.95 -24.25
C TYR D 109 -8.76 -12.80 -25.20
N ASN D 110 -9.77 -12.33 -25.90
CA ASN D 110 -9.61 -11.23 -26.84
C ASN D 110 -10.93 -10.50 -26.97
N MET D 111 -10.98 -9.29 -26.42
CA MET D 111 -12.21 -8.58 -26.33
C MET D 111 -11.94 -7.14 -25.93
N VAL D 112 -12.93 -6.31 -26.20
CA VAL D 112 -13.02 -4.95 -25.60
C VAL D 112 -14.21 -4.97 -24.68
N LEU D 113 -13.99 -4.53 -23.44
CA LEU D 113 -15.04 -4.37 -22.47
C LEU D 113 -15.23 -2.89 -22.20
N GLU D 114 -16.48 -2.45 -22.32
CA GLU D 114 -16.88 -1.12 -21.93
C GLU D 114 -17.85 -1.19 -20.78
N LEU D 115 -17.49 -0.52 -19.70
CA LEU D 115 -18.36 -0.37 -18.55
C LEU D 115 -18.80 1.07 -18.47
N LYS D 116 -20.12 1.31 -18.31
CA LYS D 116 -20.63 2.64 -18.12
C LYS D 116 -21.68 2.72 -17.02
N GLY D 117 -21.76 3.87 -16.39
CA GLY D 117 -22.80 4.11 -15.39
C GLY D 117 -22.63 5.48 -14.82
N TYR D 118 -23.40 5.78 -13.78
CA TYR D 118 -23.34 7.04 -13.09
C TYR D 118 -22.95 6.75 -11.67
N PHE D 119 -21.83 7.33 -11.25
CA PHE D 119 -21.35 7.16 -9.91
C PHE D 119 -22.08 8.11 -8.99
N LYS D 120 -22.54 7.61 -7.86
CA LYS D 120 -23.15 8.47 -6.85
C LYS D 120 -22.90 7.90 -5.49
N ALA D 121 -22.52 8.77 -4.59
CA ALA D 121 -22.51 8.46 -3.18
C ALA D 121 -23.40 9.37 -2.39
N ASP D 122 -23.82 8.86 -1.24
CA ASP D 122 -24.62 9.64 -0.32
C ASP D 122 -23.76 10.36 0.66
N VAL D 123 -22.48 10.01 0.75
CA VAL D 123 -21.55 10.67 1.63
C VAL D 123 -20.63 11.51 0.72
N SER D 124 -20.66 12.82 0.87
CA SER D 124 -19.69 13.73 0.24
C SER D 124 -18.27 13.43 0.73
N GLY D 125 -17.32 13.49 -0.19
CA GLY D 125 -15.94 13.24 0.14
C GLY D 125 -15.12 12.77 -1.01
N ASP D 126 -13.88 12.42 -0.73
CA ASP D 126 -12.92 11.98 -1.73
C ASP D 126 -13.12 10.50 -2.03
N TYR D 127 -13.42 10.21 -3.28
CA TYR D 127 -13.51 8.83 -3.79
C TYR D 127 -12.42 8.61 -4.83
N LYS D 128 -11.76 7.43 -4.75
CA LYS D 128 -10.67 7.09 -5.59
C LYS D 128 -11.00 5.86 -6.40
N LEU D 129 -10.71 5.94 -7.66
CA LEU D 129 -10.81 4.81 -8.56
C LEU D 129 -9.39 4.41 -8.95
N THR D 130 -9.07 3.13 -8.83
CA THR D 130 -7.73 2.66 -9.11
C THR D 130 -7.77 1.51 -10.10
N LEU D 131 -6.91 1.62 -11.10
CA LEU D 131 -6.63 0.56 -12.04
C LEU D 131 -5.24 0.04 -11.78
N SER D 132 -5.10 -1.27 -11.57
CA SER D 132 -3.82 -1.87 -11.20
C SER D 132 -3.37 -3.00 -12.12
N HIS D 133 -2.14 -2.93 -12.64
CA HIS D 133 -1.49 -4.03 -13.36
C HIS D 133 -2.30 -4.54 -14.51
N ILE D 134 -2.88 -3.61 -15.24
CA ILE D 134 -3.86 -3.95 -16.26
C ILE D 134 -3.18 -4.71 -17.39
N ASP D 135 -3.82 -5.79 -17.81
CA ASP D 135 -3.37 -6.59 -18.94
C ASP D 135 -4.61 -6.78 -19.82
N ASP D 136 -4.72 -6.16 -21.00
CA ASP D 136 -3.64 -5.45 -21.71
C ASP D 136 -3.67 -3.92 -21.61
N SER D 137 -4.86 -3.32 -21.61
CA SER D 137 -4.92 -1.87 -21.52
C SER D 137 -6.26 -1.42 -21.05
N SER D 138 -6.29 -0.22 -20.48
CA SER D 138 -7.53 0.37 -20.03
C SER D 138 -7.46 1.87 -20.12
N MET D 139 -8.58 2.47 -20.47
CA MET D 139 -8.78 3.91 -20.41
C MET D 139 -10.02 4.20 -19.58
N LEU D 140 -9.91 5.14 -18.64
CA LEU D 140 -11.00 5.47 -17.75
C LEU D 140 -11.36 6.94 -17.93
N PHE D 141 -12.65 7.22 -17.98
CA PHE D 141 -13.20 8.55 -18.15
C PHE D 141 -14.17 8.82 -17.01
N PHE D 142 -14.06 9.99 -16.39
CA PHE D 142 -14.96 10.35 -15.33
C PHE D 142 -15.42 11.76 -15.59
N GLY D 143 -16.73 11.99 -15.58
CA GLY D 143 -17.31 13.30 -15.92
C GLY D 143 -17.74 14.13 -14.74
N LYS D 144 -18.00 15.41 -14.99
CA LYS D 144 -18.58 16.25 -13.94
C LYS D 144 -20.02 15.80 -13.73
N GLU D 145 -20.65 16.34 -12.70
CA GLU D 145 -22.02 15.97 -12.38
C GLU D 145 -22.95 16.13 -13.57
N THR D 146 -23.81 15.14 -13.78
CA THR D 146 -24.78 15.24 -14.89
C THR D 146 -25.98 16.07 -14.45
N ALA D 147 -26.52 16.84 -15.39
CA ALA D 147 -27.80 17.49 -15.19
C ALA D 147 -28.90 16.49 -15.50
N PHE D 148 -30.10 16.82 -15.07
CA PHE D 148 -31.27 15.98 -15.26
C PHE D 148 -32.45 16.76 -15.81
N LYS D 149 -33.27 16.04 -16.58
CA LYS D 149 -34.67 16.42 -16.81
C LYS D 149 -35.47 15.57 -15.84
N CYS D 150 -36.26 16.24 -15.00
CA CYS D 150 -37.06 15.58 -13.97
C CYS D 150 -38.49 15.39 -14.47
N CYS D 151 -38.94 14.13 -14.49
CA CYS D 151 -40.28 13.77 -14.96
C CYS D 151 -41.08 13.06 -13.84
N ASP D 152 -42.39 12.92 -14.04
CA ASP D 152 -43.26 12.27 -13.06
C ASP D 152 -42.83 10.84 -12.75
N ALA D 153 -42.44 10.12 -13.80
CA ALA D 153 -42.09 8.70 -13.70
C ALA D 153 -40.62 8.46 -13.33
N GLY D 154 -39.81 9.51 -13.28
CA GLY D 154 -38.37 9.37 -13.01
C GLY D 154 -37.51 10.47 -13.61
N SER D 155 -36.18 10.28 -13.54
CA SER D 155 -35.22 11.28 -13.99
C SER D 155 -34.47 10.85 -15.26
N ILE D 156 -34.15 11.82 -16.09
CA ILE D 156 -33.42 11.57 -17.31
C ILE D 156 -32.10 12.31 -17.27
N PRO D 157 -30.99 11.57 -17.22
CA PRO D 157 -29.71 12.27 -17.21
C PRO D 157 -29.48 12.88 -18.59
N LEU D 158 -29.04 14.12 -18.61
CA LEU D 158 -28.81 14.81 -19.86
C LEU D 158 -27.43 14.48 -20.41
N ASN D 159 -26.58 13.88 -19.57
CA ASN D 159 -25.49 13.02 -20.01
C ASN D 159 -24.73 13.54 -21.24
N GLU D 160 -24.45 14.84 -21.21
CA GLU D 160 -23.45 15.46 -22.06
C GLU D 160 -22.53 16.25 -21.13
N ALA D 161 -22.05 15.54 -20.11
CA ALA D 161 -21.25 16.12 -19.02
C ALA D 161 -19.80 16.17 -19.49
N PRO D 162 -19.16 17.34 -19.40
CA PRO D 162 -17.75 17.41 -19.77
C PRO D 162 -16.92 16.47 -18.92
N THR D 163 -15.90 15.89 -19.52
CA THR D 163 -14.98 15.00 -18.81
C THR D 163 -14.17 15.78 -17.81
N ASP D 164 -14.10 15.28 -16.58
CA ASP D 164 -13.22 15.81 -15.54
C ASP D 164 -11.81 15.28 -15.70
N TYR D 165 -11.67 13.97 -15.95
CA TYR D 165 -10.33 13.37 -16.04
C TYR D 165 -10.38 12.08 -16.80
N SER D 166 -9.22 11.66 -17.26
CA SER D 166 -9.07 10.36 -17.85
C SER D 166 -7.69 9.78 -17.51
N LEU D 167 -7.66 8.45 -17.46
CA LEU D 167 -6.50 7.65 -17.15
C LEU D 167 -6.28 6.67 -18.27
N PHE D 168 -5.03 6.31 -18.58
CA PHE D 168 -4.72 5.36 -19.65
C PHE D 168 -3.52 4.55 -19.19
N THR D 169 -3.68 3.24 -19.15
CA THR D 169 -2.61 2.34 -18.76
C THR D 169 -2.50 1.18 -19.75
N ILE D 170 -1.27 0.80 -20.10
CA ILE D 170 -0.98 -0.22 -21.10
C ILE D 170 0.15 -1.12 -20.64
N LYS D 171 -0.09 -2.42 -20.71
CA LYS D 171 0.90 -3.40 -20.40
C LYS D 171 1.96 -3.47 -21.50
N PRO D 172 3.22 -3.30 -21.14
CA PRO D 172 4.26 -3.62 -22.14
C PRO D 172 4.30 -5.10 -22.51
N SER D 173 4.66 -5.40 -23.77
CA SER D 173 4.67 -6.78 -24.24
C SER D 173 5.54 -7.70 -23.40
N ASN D 174 6.64 -7.19 -22.90
CA ASN D 174 7.65 -8.04 -22.26
C ASN D 174 7.62 -8.17 -20.74
N GLN D 175 6.64 -7.58 -20.07
CA GLN D 175 6.60 -7.68 -18.62
C GLN D 175 5.20 -7.46 -18.07
N VAL D 176 5.00 -7.85 -16.81
CA VAL D 176 3.80 -7.53 -16.08
C VAL D 176 3.72 -6.00 -16.05
N ASN D 177 2.53 -5.48 -16.19
CA ASN D 177 2.31 -4.05 -16.11
C ASN D 177 2.49 -3.65 -14.65
N SER D 178 3.49 -2.84 -14.34
CA SER D 178 3.71 -2.40 -12.95
C SER D 178 2.90 -1.16 -12.62
N GLU D 179 2.18 -0.64 -13.59
CA GLU D 179 1.42 0.60 -13.35
CA GLU D 179 1.42 0.61 -13.37
C GLU D 179 0.23 0.40 -12.41
N VAL D 180 0.11 1.30 -11.44
CA VAL D 180 -1.07 1.45 -10.61
C VAL D 180 -1.46 2.93 -10.81
N ILE D 181 -2.63 3.15 -11.36
CA ILE D 181 -3.02 4.47 -11.79
C ILE D 181 -4.36 4.79 -11.13
N SER D 182 -4.48 5.99 -10.58
CA SER D 182 -5.68 6.31 -9.81
CA SER D 182 -5.65 6.33 -9.76
C SER D 182 -6.10 7.75 -10.00
N ALA D 183 -7.39 7.97 -9.71
CA ALA D 183 -7.97 9.29 -9.71
C ALA D 183 -8.83 9.37 -8.49
N THR D 184 -8.58 10.42 -7.73
CA THR D 184 -9.38 10.78 -6.59
C THR D 184 -10.09 12.12 -6.91
N GLN D 185 -11.34 12.24 -6.51
N GLN D 185 -11.39 12.19 -6.56
CA GLN D 185 -12.01 13.52 -6.65
CA GLN D 185 -12.22 13.40 -6.80
C GLN D 185 -13.00 13.62 -5.55
C GLN D 185 -13.15 13.61 -5.59
N TYR D 186 -13.32 14.87 -5.17
CA TYR D 186 -14.26 15.15 -4.12
C TYR D 186 -15.64 15.15 -4.77
N LEU D 187 -16.46 14.20 -4.37
CA LEU D 187 -17.78 14.06 -4.93
C LEU D 187 -18.82 14.51 -3.93
N GLU D 188 -19.87 15.12 -4.46
CA GLU D 188 -20.94 15.70 -3.65
C GLU D 188 -22.06 14.72 -3.46
N ALA D 189 -22.53 14.62 -2.23
CA ALA D 189 -23.62 13.71 -1.91
C ALA D 189 -24.79 13.89 -2.87
N GLY D 190 -25.24 12.77 -3.41
CA GLY D 190 -26.45 12.72 -4.18
C GLY D 190 -26.31 13.11 -5.64
N LYS D 191 -25.11 13.55 -6.05
CA LYS D 191 -24.88 13.92 -7.42
C LYS D 191 -24.40 12.70 -8.17
N TYR D 192 -24.70 12.70 -9.47
CA TYR D 192 -24.41 11.58 -10.33
C TYR D 192 -23.36 12.00 -11.34
N TYR D 193 -22.31 11.18 -11.43
CA TYR D 193 -21.13 11.49 -12.26
C TYR D 193 -20.93 10.39 -13.28
N PRO D 194 -21.02 10.70 -14.57
CA PRO D 194 -20.89 9.60 -15.53
C PRO D 194 -19.47 9.05 -15.51
N VAL D 195 -19.36 7.74 -15.58
CA VAL D 195 -18.06 7.08 -15.60
C VAL D 195 -18.08 6.03 -16.70
N ARG D 196 -16.95 5.93 -17.40
CA ARG D 196 -16.79 4.95 -18.47
C ARG D 196 -15.40 4.36 -18.37
N ILE D 197 -15.33 3.04 -18.45
CA ILE D 197 -14.06 2.36 -18.42
C ILE D 197 -14.01 1.44 -19.61
N VAL D 198 -12.92 1.51 -20.34
CA VAL D 198 -12.70 0.69 -21.49
C VAL D 198 -11.52 -0.20 -21.13
N PHE D 199 -11.67 -1.50 -21.35
CA PHE D 199 -10.63 -2.48 -21.05
C PHE D 199 -10.44 -3.39 -22.25
N VAL D 200 -9.19 -3.60 -22.66
CA VAL D 200 -8.93 -4.49 -23.77
C VAL D 200 -8.03 -5.60 -23.29
N ASN D 201 -8.42 -6.83 -23.64
CA ASN D 201 -7.50 -7.94 -23.62
C ASN D 201 -7.20 -8.40 -25.07
N ALA D 202 -5.93 -8.37 -25.41
CA ALA D 202 -5.49 -8.76 -26.75
C ALA D 202 -5.27 -10.27 -26.87
N LEU D 203 -4.84 -10.91 -25.79
CA LEU D 203 -4.59 -12.35 -25.72
C LEU D 203 -4.34 -12.77 -24.31
N GLU D 204 -4.59 -14.04 -24.03
CA GLU D 204 -4.24 -14.72 -22.78
C GLU D 204 -4.88 -14.03 -21.57
N ARG D 205 -4.08 -13.66 -20.59
CA ARG D 205 -4.62 -13.14 -19.34
C ARG D 205 -5.33 -11.81 -19.54
N ALA D 206 -6.52 -11.70 -18.96
CA ALA D 206 -7.27 -10.47 -18.87
C ALA D 206 -7.22 -10.04 -17.39
N ARG D 207 -6.38 -9.07 -17.09
CA ARG D 207 -6.25 -8.58 -15.71
C ARG D 207 -6.84 -7.18 -15.67
N PHE D 208 -8.02 -7.06 -15.07
CA PHE D 208 -8.76 -5.80 -14.99
C PHE D 208 -8.99 -5.60 -13.50
N ASP D 209 -7.98 -5.04 -12.85
CA ASP D 209 -8.04 -4.86 -11.39
C ASP D 209 -8.49 -3.43 -11.18
N PHE D 210 -9.75 -3.26 -10.75
CA PHE D 210 -10.43 -2.00 -10.70
C PHE D 210 -11.15 -1.91 -9.35
N LYS D 211 -10.71 -0.97 -8.53
CA LYS D 211 -11.17 -0.90 -7.14
C LYS D 211 -11.55 0.51 -6.76
N LEU D 212 -12.43 0.61 -5.76
CA LEU D 212 -12.94 1.87 -5.26
C LEU D 212 -12.45 2.05 -3.84
N THR D 213 -11.89 3.21 -3.56
CA THR D 213 -11.53 3.55 -2.22
C THR D 213 -12.45 4.72 -1.81
N ILE D 214 -13.13 4.51 -0.70
CA ILE D 214 -14.13 5.47 -0.24
C ILE D 214 -13.51 6.37 0.82
N PRO D 215 -14.21 7.45 1.22
CA PRO D 215 -13.58 8.41 2.12
C PRO D 215 -13.04 7.83 3.42
N SER D 216 -13.64 6.74 3.92
CA SER D 216 -13.13 6.07 5.11
C SER D 216 -11.75 5.45 4.95
N GLY D 217 -11.34 5.20 3.73
CA GLY D 217 -10.12 4.47 3.47
C GLY D 217 -10.35 3.02 3.07
N ALA D 218 -11.58 2.51 3.25
CA ALA D 218 -11.89 1.17 2.84
C ALA D 218 -11.73 1.03 1.33
N VAL D 219 -11.23 -0.12 0.92
CA VAL D 219 -10.97 -0.45 -0.48
C VAL D 219 -11.93 -1.57 -0.89
N LEU D 220 -12.78 -1.25 -1.85
CA LEU D 220 -13.89 -2.12 -2.22
C LEU D 220 -13.77 -2.65 -3.64
N ASP D 221 -14.14 -3.91 -3.81
CA ASP D 221 -14.28 -4.48 -5.13
C ASP D 221 -15.71 -4.31 -5.63
N ASP D 222 -16.65 -4.17 -4.71
CA ASP D 222 -18.08 -4.11 -5.05
C ASP D 222 -18.48 -2.64 -5.17
N PHE D 223 -19.12 -2.28 -6.30
CA PHE D 223 -19.57 -0.90 -6.58
C PHE D 223 -21.09 -0.75 -6.55
N GLN D 224 -21.79 -1.80 -6.10
CA GLN D 224 -23.24 -1.88 -6.32
C GLN D 224 -24.03 -0.59 -6.00
N ASN D 225 -23.90 -0.13 -4.76
CA ASN D 225 -24.63 1.07 -4.33
C ASN D 225 -23.97 2.38 -4.66
N TYR D 226 -22.90 2.34 -5.44
CA TYR D 226 -22.23 3.54 -5.89
C TYR D 226 -22.38 3.75 -7.38
N ILE D 227 -22.90 2.76 -8.11
CA ILE D 227 -23.04 2.90 -9.57
C ILE D 227 -24.50 2.67 -10.00
N TYR D 228 -25.04 3.60 -10.79
CA TYR D 228 -26.46 3.61 -11.16
C TYR D 228 -26.62 3.77 -12.65
N GLN D 229 -27.77 3.27 -13.11
CA GLN D 229 -28.31 3.55 -14.42
C GLN D 229 -29.66 4.19 -14.24
N PHE D 230 -30.11 4.88 -15.27
CA PHE D 230 -31.46 5.42 -15.30
C PHE D 230 -32.22 4.75 -16.41
N GLY D 231 -33.26 4.02 -16.05
CA GLY D 231 -34.10 3.33 -17.03
C GLY D 231 -34.84 4.31 -17.94
N ASP D 232 -35.13 3.87 -19.16
CA ASP D 232 -35.99 4.62 -20.11
C ASP D 232 -37.38 4.83 -19.51
N LEU D 233 -38.07 5.89 -19.91
CA LEU D 233 -39.47 6.09 -19.50
C LEU D 233 -40.19 7.11 -20.39
#